data_1SR6
#
_entry.id   1SR6
#
_cell.length_a   83.591
_cell.length_b   51.109
_cell.length_c   162.329
_cell.angle_alpha   90.00
_cell.angle_beta   98.02
_cell.angle_gamma   90.00
#
_symmetry.space_group_name_H-M   'P 1 21 1'
#
loop_
_entity.id
_entity.type
_entity.pdbx_description
1 polymer 'Myosin heavy chain, striated muscle'
2 polymer 'Myosin regulatory light chain, striated adductor muscle'
3 polymer 'Myosin essential light chain, striated adductor muscle'
4 non-polymer 'SULFATE ION'
5 non-polymer 'MAGNESIUM ION'
6 non-polymer 'CALCIUM ION'
7 water water
#
loop_
_entity_poly.entity_id
_entity_poly.type
_entity_poly.pdbx_seq_one_letter_code
_entity_poly.pdbx_strand_id
1 'polypeptide(L)'
;MNIDFSDPDFQYLAVDRKKLMKEQTAAFDGKKNCWVPDEKEGFASAEIQSSKGDEITVKIVADSSTRTVKKDDIQSMNPP
KFEKLEDMANMTYLNEASVLYNLRSRYTSGLIYTYSGLFCIAVNPYRRLPIYTDSVIAKYRGKRKTEIPPHLFSVADNAY
QNMVTDRENQSCLITGESGAGKTENTKKVIMYLAKVACAVKKKDEEASDKKEGSLEDQIIQANPVLEAYGNAKTTRNNNS
SRFGKFIRIHFGPTGKIAGADIETYLLEKSRVTYQQSAERNYHIFYQICSNAIPELNDVMLVTPDSGLYSFINQGCLTVD
NIDDVEEFKLCDEAFDILGFTKEEKQSMFKCTASILHMGEMKFKQRPREEQAESDGTAEAEKVAFLCGINAGDLLKALLK
PKVKVGTEMVTKGQNMNQVVNSVGALAKSLYDRMFNWLVRRVNKTLDTKAKRNYYIGVLDIAGFEIFDFNSFEQLCINYT
NERLQQFFNHHMFILEQEEYKKEGIAWEFIDFGMDLQMCIDLIEKPMGILSILEEECMFPKADDKSFQDKLYQNHMGKNR
MFTKPGKPTRPNQGPAHFELHHYAGNVPYSITGWLEKNKDPINENVVALLGASKEPLVAELFKAPEEPAGGGKKKKGKSS
AFQTISAVHRESLNKLMKNLYSTHPHFVRCIIPNELKQPGLVDAELVLHQLQCNGVLEGIRICRKGFPSRLIYSEFKQRY
SILAPNAIPQGFVDGKTVSEKILAGLQMDPAEYRLGTTKVFFKAGVLGNLEEMRDERLSKIISMFQAHIRGYLIRKAYKK
LQDQRIGLSVIQRNIRKWLVLRNWQWWKLYSKVKPLLSIA
;
A
2 'polypeptide(L)'
;ADKAASGVLTKLPQKQIQEMKEAFSMIDVDRDGFVSKEDIKAISEQLGRAPDDKELTAMLKEAPGPLNFTMFLSIFSDKL
SGTDSEETIRNAFAMFDEQETKKLNIEYIKDLLENMGDNFNKDEMRMTFKEAPVEGGKFDYVKFTAMIKGSGEEEA
;
B
3 'polypeptide(L)'
;PKLSQDEIDDLKDVFELFDFWDGRDGAVDAFKLGDVCRCLGINPRNEDVFAVGGTHKMGEKSLPFEEFLPAYEGLMDCEQ
GTFADYMEAFKTFDREGQGFISGAELRHVLTALGERLSDEDVDEIIKLTDLQEDLEGNVKYEDFVKKVMAGPYPDK
;
C
#
loop_
_chem_comp.id
_chem_comp.type
_chem_comp.name
_chem_comp.formula
CA non-polymer 'CALCIUM ION' 'Ca 2'
MG non-polymer 'MAGNESIUM ION' 'Mg 2'
SO4 non-polymer 'SULFATE ION' 'O4 S -2'
#
# COMPACT_ATOMS: atom_id res chain seq x y z
N SER A 6 20.77 -3.03 -11.96
CA SER A 6 21.56 -3.86 -11.07
C SER A 6 21.92 -5.22 -11.63
N ASP A 7 20.94 -6.03 -12.02
CA ASP A 7 21.26 -7.38 -12.52
C ASP A 7 20.17 -7.99 -13.40
N PRO A 8 20.55 -8.46 -14.59
CA PRO A 8 19.65 -9.09 -15.57
C PRO A 8 18.73 -10.17 -15.01
N ASP A 9 19.28 -11.09 -14.22
CA ASP A 9 18.48 -12.18 -13.66
C ASP A 9 17.38 -11.71 -12.72
N PHE A 10 17.45 -10.48 -12.25
CA PHE A 10 16.43 -9.98 -11.33
C PHE A 10 15.38 -9.12 -11.98
N GLN A 11 15.31 -9.12 -13.32
CA GLN A 11 14.34 -8.30 -14.02
C GLN A 11 12.89 -8.51 -13.59
N TYR A 12 12.50 -9.76 -13.38
CA TYR A 12 11.13 -10.02 -12.98
C TYR A 12 11.02 -10.41 -11.53
N LEU A 13 12.01 -10.00 -10.75
CA LEU A 13 12.01 -10.32 -9.34
C LEU A 13 11.88 -9.09 -8.45
N ALA A 14 12.77 -8.13 -8.65
CA ALA A 14 12.72 -6.89 -7.89
C ALA A 14 12.47 -5.75 -8.85
N VAL A 15 11.78 -4.72 -8.40
CA VAL A 15 11.54 -3.57 -9.28
C VAL A 15 12.67 -2.61 -8.97
N ASP A 16 12.38 -1.31 -9.02
CA ASP A 16 13.43 -0.33 -8.75
C ASP A 16 13.26 0.49 -7.49
N ARG A 17 14.20 0.31 -6.57
CA ARG A 17 14.22 1.05 -5.30
C ARG A 17 14.21 2.52 -5.73
N LYS A 18 14.86 2.78 -6.86
CA LYS A 18 14.96 4.11 -7.42
C LYS A 18 13.61 4.54 -7.98
N LYS A 19 13.20 3.90 -9.07
CA LYS A 19 11.93 4.24 -9.73
C LYS A 19 10.70 4.17 -8.82
N LEU A 20 10.86 3.68 -7.60
CA LEU A 20 9.76 3.61 -6.66
C LEU A 20 9.87 4.75 -5.66
N MET A 21 11.07 5.30 -5.55
CA MET A 21 11.32 6.43 -4.70
C MET A 21 10.93 7.61 -5.59
N LYS A 22 10.92 7.35 -6.89
CA LYS A 22 10.55 8.35 -7.89
C LYS A 22 9.07 8.22 -8.19
N GLU A 23 8.28 8.11 -7.13
CA GLU A 23 6.83 8.02 -7.19
C GLU A 23 6.36 9.30 -6.50
N GLN A 24 6.47 10.42 -7.20
CA GLN A 24 6.12 11.73 -6.64
C GLN A 24 4.84 12.46 -7.08
N THR A 25 3.90 11.78 -7.75
CA THR A 25 2.68 12.49 -8.14
C THR A 25 1.72 12.57 -6.93
N ALA A 26 2.32 12.65 -5.74
CA ALA A 26 1.56 12.78 -4.49
C ALA A 26 2.30 12.46 -3.19
N ALA A 27 1.90 13.16 -2.14
CA ALA A 27 2.42 12.95 -0.79
C ALA A 27 1.36 11.95 -0.36
N PHE A 28 0.94 11.98 0.89
CA PHE A 28 -0.06 11.02 1.31
C PHE A 28 -0.67 11.49 2.62
N ASP A 29 -1.99 11.52 2.68
CA ASP A 29 -2.63 11.91 3.92
C ASP A 29 -3.31 10.72 4.55
N GLY A 30 -2.66 10.15 5.56
CA GLY A 30 -3.23 9.01 6.26
C GLY A 30 -4.60 9.35 6.82
N LYS A 31 -4.92 10.65 6.84
CA LYS A 31 -6.18 11.14 7.34
C LYS A 31 -7.23 11.19 6.23
N LYS A 32 -6.78 11.42 5.00
CA LYS A 32 -7.71 11.53 3.86
C LYS A 32 -7.74 10.36 2.89
N ASN A 33 -6.61 9.68 2.71
CA ASN A 33 -6.54 8.54 1.79
C ASN A 33 -6.96 7.19 2.36
N CYS A 34 -7.86 6.51 1.66
CA CYS A 34 -8.32 5.20 2.13
C CYS A 34 -8.99 4.41 1.02
N TRP A 35 -9.26 3.13 1.30
CA TRP A 35 -9.91 2.27 0.29
C TRP A 35 -11.43 2.21 0.46
N VAL A 36 -12.15 2.02 -0.64
CA VAL A 36 -13.60 1.93 -0.56
C VAL A 36 -14.11 0.84 -1.49
N PRO A 37 -15.15 0.13 -1.09
CA PRO A 37 -15.70 -0.93 -1.94
C PRO A 37 -16.05 -0.44 -3.36
N ASP A 38 -15.73 -1.25 -4.36
CA ASP A 38 -16.02 -0.93 -5.76
C ASP A 38 -16.45 -2.20 -6.49
N GLU A 39 -17.57 -2.12 -7.21
CA GLU A 39 -18.07 -3.27 -7.94
C GLU A 39 -17.15 -3.72 -9.09
N LYS A 40 -16.41 -2.79 -9.68
CA LYS A 40 -15.54 -3.13 -10.79
C LYS A 40 -14.12 -3.51 -10.37
N GLU A 41 -13.50 -2.70 -9.51
CA GLU A 41 -12.13 -2.94 -9.06
C GLU A 41 -12.00 -3.49 -7.66
N GLY A 42 -13.10 -4.05 -7.14
CA GLY A 42 -13.06 -4.60 -5.80
C GLY A 42 -12.99 -3.52 -4.74
N PHE A 43 -11.96 -2.69 -4.82
CA PHE A 43 -11.77 -1.57 -3.89
C PHE A 43 -11.35 -0.38 -4.72
N ALA A 44 -11.31 0.80 -4.09
CA ALA A 44 -10.95 2.02 -4.83
C ALA A 44 -10.33 3.06 -3.93
N SER A 45 -9.27 3.68 -4.44
CA SER A 45 -8.56 4.71 -3.69
C SER A 45 -9.53 5.87 -3.54
N ALA A 46 -9.54 6.51 -2.37
CA ALA A 46 -10.43 7.64 -2.15
C ALA A 46 -9.88 8.74 -1.23
N GLU A 47 -10.45 9.93 -1.38
CA GLU A 47 -10.08 11.09 -0.59
C GLU A 47 -11.33 11.46 0.22
N ILE A 48 -11.29 11.21 1.53
CA ILE A 48 -12.45 11.53 2.35
C ILE A 48 -12.74 13.01 2.16
N GLN A 49 -14.00 13.40 2.25
CA GLN A 49 -14.37 14.80 2.09
C GLN A 49 -14.95 15.29 3.42
N SER A 50 -16.17 14.84 3.71
CA SER A 50 -16.84 15.21 4.97
C SER A 50 -17.40 13.94 5.62
N SER A 51 -17.91 14.09 6.84
CA SER A 51 -18.47 12.97 7.56
C SER A 51 -19.69 13.43 8.38
N LYS A 52 -20.74 12.64 8.35
CA LYS A 52 -21.95 12.94 9.11
C LYS A 52 -22.39 11.71 9.89
N GLY A 53 -21.57 11.33 10.87
CA GLY A 53 -21.87 10.18 11.70
C GLY A 53 -21.18 8.93 11.18
N ASP A 54 -21.95 8.11 10.47
CA ASP A 54 -21.42 6.89 9.89
C ASP A 54 -21.44 6.97 8.37
N GLU A 55 -21.85 8.14 7.85
CA GLU A 55 -21.89 8.38 6.41
C GLU A 55 -20.68 9.20 5.99
N ILE A 56 -19.65 8.55 5.49
CA ILE A 56 -18.46 9.23 5.03
C ILE A 56 -18.67 9.54 3.57
N THR A 57 -18.18 10.70 3.15
CA THR A 57 -18.30 11.12 1.76
C THR A 57 -16.87 11.17 1.22
N VAL A 58 -16.69 10.73 -0.03
CA VAL A 58 -15.35 10.71 -0.60
C VAL A 58 -15.31 10.96 -2.08
N LYS A 59 -14.09 11.16 -2.58
CA LYS A 59 -13.85 11.38 -4.01
C LYS A 59 -12.90 10.29 -4.51
N ILE A 60 -13.21 9.70 -5.66
CA ILE A 60 -12.38 8.65 -6.23
C ILE A 60 -11.34 9.26 -7.17
N VAL A 61 -10.08 9.23 -6.76
CA VAL A 61 -8.99 9.80 -7.57
C VAL A 61 -9.11 9.50 -9.08
N ALA A 62 -9.54 8.29 -9.42
CA ALA A 62 -9.68 7.87 -10.81
C ALA A 62 -10.66 8.70 -11.64
N ASP A 63 -11.95 8.51 -11.40
CA ASP A 63 -12.97 9.26 -12.14
C ASP A 63 -13.33 10.59 -11.46
N SER A 64 -12.79 10.81 -10.26
CA SER A 64 -13.00 12.06 -9.51
C SER A 64 -14.44 12.39 -9.11
N SER A 65 -15.29 11.37 -8.92
CA SER A 65 -16.68 11.60 -8.54
C SER A 65 -16.88 11.64 -7.04
N THR A 66 -18.09 11.28 -6.61
CA THR A 66 -18.44 11.27 -5.19
C THR A 66 -19.47 10.18 -4.88
N ARG A 67 -19.21 9.44 -3.81
CA ARG A 67 -20.11 8.36 -3.37
C ARG A 67 -20.13 8.42 -1.84
N THR A 68 -21.21 7.92 -1.25
CA THR A 68 -21.34 7.94 0.19
C THR A 68 -21.19 6.52 0.75
N VAL A 69 -20.20 6.32 1.62
CA VAL A 69 -19.97 5.00 2.19
C VAL A 69 -19.98 4.98 3.72
N LYS A 70 -20.25 3.80 4.28
CA LYS A 70 -20.31 3.64 5.72
C LYS A 70 -18.91 3.58 6.29
N LYS A 71 -18.68 4.35 7.36
CA LYS A 71 -17.38 4.42 8.03
C LYS A 71 -16.79 3.04 8.36
N ASP A 72 -17.67 2.05 8.55
CA ASP A 72 -17.20 0.70 8.87
C ASP A 72 -16.76 -0.08 7.63
N ASP A 73 -17.11 0.42 6.45
CA ASP A 73 -16.75 -0.24 5.20
C ASP A 73 -15.44 0.28 4.64
N ILE A 74 -14.96 1.39 5.18
CA ILE A 74 -13.72 2.00 4.72
C ILE A 74 -12.53 1.22 5.27
N GLN A 75 -11.51 1.04 4.44
CA GLN A 75 -10.30 0.34 4.88
C GLN A 75 -9.05 1.18 4.71
N SER A 76 -8.17 1.11 5.72
CA SER A 76 -6.94 1.88 5.74
C SER A 76 -6.09 1.66 4.51
N MET A 77 -5.36 2.69 4.10
CA MET A 77 -4.51 2.63 2.92
C MET A 77 -3.06 2.82 3.34
N ASN A 78 -2.18 1.95 2.85
CA ASN A 78 -0.75 2.02 3.19
C ASN A 78 -0.07 3.16 2.43
N PRO A 79 0.93 3.81 3.07
CA PRO A 79 1.64 4.92 2.43
C PRO A 79 2.41 4.41 1.22
N PRO A 80 2.78 5.32 0.31
CA PRO A 80 3.52 4.98 -0.92
C PRO A 80 4.82 4.24 -0.66
N LYS A 81 5.35 4.30 0.55
CA LYS A 81 6.60 3.61 0.83
C LYS A 81 6.46 2.10 0.97
N PHE A 82 5.22 1.61 0.94
CA PHE A 82 4.99 0.18 1.05
C PHE A 82 4.52 -0.39 -0.29
N GLU A 83 4.82 0.35 -1.36
CA GLU A 83 4.46 -0.07 -2.71
C GLU A 83 5.20 -1.34 -3.13
N LYS A 84 4.48 -2.28 -3.70
CA LYS A 84 5.07 -3.53 -4.15
C LYS A 84 5.99 -4.14 -3.09
N LEU A 85 5.52 -4.21 -1.84
CA LEU A 85 6.35 -4.76 -0.78
C LEU A 85 6.59 -6.25 -0.97
N GLU A 86 7.80 -6.71 -0.66
CA GLU A 86 8.14 -8.11 -0.83
C GLU A 86 7.37 -9.03 0.16
N ASP A 87 7.26 -8.59 1.42
CA ASP A 87 6.53 -9.37 2.42
C ASP A 87 5.44 -8.50 3.04
N MET A 88 4.19 -8.77 2.68
CA MET A 88 3.08 -7.98 3.18
C MET A 88 2.87 -8.10 4.68
N ALA A 89 3.72 -8.87 5.35
CA ALA A 89 3.58 -9.05 6.80
C ALA A 89 4.31 -7.91 7.52
N ASN A 90 4.73 -6.91 6.74
CA ASN A 90 5.43 -5.75 7.28
C ASN A 90 4.63 -4.48 7.00
N MET A 91 3.63 -4.59 6.12
CA MET A 91 2.80 -3.43 5.77
C MET A 91 2.08 -2.89 7.00
N THR A 92 2.30 -1.61 7.27
CA THR A 92 1.67 -0.94 8.41
C THR A 92 0.21 -1.30 8.54
N TYR A 93 -0.52 -1.24 7.43
CA TYR A 93 -1.93 -1.59 7.40
C TYR A 93 -2.10 -2.92 6.62
N LEU A 94 -2.47 -3.99 7.32
CA LEU A 94 -2.62 -5.30 6.71
C LEU A 94 -4.07 -5.72 6.59
N ASN A 95 -4.67 -5.52 5.42
CA ASN A 95 -6.08 -5.88 5.25
C ASN A 95 -6.44 -6.33 3.84
N GLU A 96 -7.73 -6.60 3.62
CA GLU A 96 -8.26 -7.07 2.34
C GLU A 96 -7.73 -6.22 1.19
N ALA A 97 -8.12 -4.95 1.20
CA ALA A 97 -7.73 -4.03 0.16
C ALA A 97 -6.22 -3.83 0.07
N SER A 98 -5.59 -3.58 1.21
CA SER A 98 -4.16 -3.35 1.21
C SER A 98 -3.40 -4.52 0.58
N VAL A 99 -3.89 -5.74 0.79
CA VAL A 99 -3.24 -6.94 0.25
C VAL A 99 -3.54 -7.06 -1.24
N LEU A 100 -4.80 -6.82 -1.61
CA LEU A 100 -5.21 -6.89 -3.00
C LEU A 100 -4.38 -5.92 -3.84
N TYR A 101 -4.17 -4.73 -3.31
CA TYR A 101 -3.42 -3.71 -4.03
C TYR A 101 -1.95 -4.11 -4.20
N ASN A 102 -1.33 -4.58 -3.12
CA ASN A 102 0.06 -4.96 -3.22
C ASN A 102 0.26 -6.09 -4.25
N LEU A 103 -0.70 -7.00 -4.32
CA LEU A 103 -0.60 -8.11 -5.26
C LEU A 103 -0.78 -7.58 -6.68
N ARG A 104 -1.83 -6.81 -6.88
CA ARG A 104 -2.12 -6.25 -8.20
C ARG A 104 -0.87 -5.50 -8.72
N SER A 105 -0.39 -4.55 -7.94
CA SER A 105 0.74 -3.74 -8.32
C SER A 105 1.94 -4.56 -8.76
N ARG A 106 2.39 -5.49 -7.92
CA ARG A 106 3.55 -6.32 -8.26
C ARG A 106 3.29 -7.17 -9.51
N TYR A 107 2.06 -7.66 -9.65
CA TYR A 107 1.71 -8.50 -10.78
C TYR A 107 1.77 -7.75 -12.09
N THR A 108 1.15 -6.58 -12.11
CA THR A 108 1.13 -5.78 -13.32
C THR A 108 2.54 -5.35 -13.74
N SER A 109 3.45 -5.36 -12.77
CA SER A 109 4.84 -5.01 -13.04
C SER A 109 5.64 -6.23 -13.49
N GLY A 110 4.97 -7.38 -13.60
CA GLY A 110 5.63 -8.60 -14.02
C GLY A 110 6.04 -9.49 -12.87
N LEU A 111 6.04 -8.97 -11.65
CA LEU A 111 6.43 -9.77 -10.47
C LEU A 111 5.28 -10.71 -10.08
N ILE A 112 5.57 -11.99 -9.90
CA ILE A 112 4.53 -12.94 -9.59
C ILE A 112 4.65 -13.56 -8.21
N TYR A 113 5.84 -13.49 -7.61
CA TYR A 113 6.03 -14.06 -6.29
C TYR A 113 5.98 -12.98 -5.19
N THR A 114 5.16 -13.22 -4.18
CA THR A 114 4.98 -12.28 -3.10
C THR A 114 4.71 -13.02 -1.79
N TYR A 115 5.43 -12.63 -0.74
CA TYR A 115 5.23 -13.26 0.55
C TYR A 115 4.11 -12.57 1.32
N SER A 116 3.75 -13.19 2.44
CA SER A 116 2.72 -12.68 3.32
C SER A 116 2.82 -13.55 4.56
N GLY A 117 3.95 -13.42 5.27
CA GLY A 117 4.18 -14.22 6.45
C GLY A 117 4.73 -15.55 5.99
N LEU A 118 4.09 -16.63 6.41
CA LEU A 118 4.53 -17.96 6.02
C LEU A 118 4.19 -18.24 4.55
N PHE A 119 3.11 -17.64 4.08
CA PHE A 119 2.69 -17.85 2.71
C PHE A 119 3.63 -17.32 1.64
N CYS A 120 3.56 -17.93 0.47
CA CYS A 120 4.33 -17.54 -0.69
C CYS A 120 3.32 -17.54 -1.83
N ILE A 121 2.71 -16.39 -2.07
CA ILE A 121 1.71 -16.24 -3.11
C ILE A 121 2.31 -16.20 -4.51
N ALA A 122 1.68 -16.93 -5.42
CA ALA A 122 2.15 -17.00 -6.80
C ALA A 122 1.00 -16.78 -7.77
N VAL A 123 1.07 -15.72 -8.55
CA VAL A 123 0.02 -15.40 -9.50
C VAL A 123 0.43 -15.92 -10.88
N ASN A 124 -0.47 -16.64 -11.54
CA ASN A 124 -0.19 -17.22 -12.86
C ASN A 124 0.15 -16.12 -13.86
N PRO A 125 1.39 -16.09 -14.35
CA PRO A 125 1.81 -15.06 -15.31
C PRO A 125 1.20 -15.23 -16.67
N TYR A 126 0.83 -16.46 -17.01
CA TYR A 126 0.26 -16.74 -18.32
C TYR A 126 1.21 -16.38 -19.45
N ARG A 127 2.51 -16.55 -19.19
CA ARG A 127 3.58 -16.32 -20.13
C ARG A 127 4.87 -16.79 -19.47
N ARG A 128 5.69 -17.54 -20.20
CA ARG A 128 6.94 -18.02 -19.61
C ARG A 128 7.87 -16.87 -19.23
N LEU A 129 8.63 -17.03 -18.16
CA LEU A 129 9.52 -15.97 -17.73
C LEU A 129 10.94 -16.50 -17.47
N PRO A 130 11.97 -15.64 -17.64
CA PRO A 130 13.38 -15.97 -17.44
C PRO A 130 13.76 -16.20 -16.01
N ILE A 131 12.78 -16.27 -15.13
CA ILE A 131 13.03 -16.45 -13.70
C ILE A 131 13.50 -17.83 -13.26
N TYR A 132 13.26 -18.86 -14.06
CA TYR A 132 13.63 -20.23 -13.67
C TYR A 132 14.87 -20.83 -14.32
N THR A 133 15.89 -20.02 -14.60
CA THR A 133 17.12 -20.53 -15.23
C THR A 133 18.16 -21.00 -14.22
N ASP A 134 19.13 -21.75 -14.73
CA ASP A 134 20.21 -22.28 -13.89
C ASP A 134 20.87 -21.12 -13.18
N SER A 135 21.19 -20.10 -13.97
CA SER A 135 21.83 -18.89 -13.48
C SER A 135 21.09 -18.38 -12.25
N VAL A 136 19.77 -18.24 -12.39
CA VAL A 136 18.95 -17.75 -11.29
C VAL A 136 19.07 -18.68 -10.09
N ILE A 137 19.03 -19.98 -10.37
CA ILE A 137 19.14 -20.99 -9.33
C ILE A 137 20.39 -20.81 -8.46
N ALA A 138 21.52 -20.57 -9.10
CA ALA A 138 22.77 -20.40 -8.36
C ALA A 138 22.65 -19.27 -7.31
N LYS A 139 21.82 -18.26 -7.62
CA LYS A 139 21.60 -17.12 -6.73
C LYS A 139 20.81 -17.43 -5.47
N TYR A 140 19.81 -18.32 -5.58
CA TYR A 140 19.00 -18.65 -4.42
C TYR A 140 19.58 -19.73 -3.52
N ARG A 141 20.58 -20.46 -3.99
CA ARG A 141 21.20 -21.52 -3.20
C ARG A 141 21.60 -21.07 -1.80
N GLY A 142 20.90 -21.59 -0.80
CA GLY A 142 21.21 -21.27 0.58
C GLY A 142 20.95 -19.87 1.12
N LYS A 143 20.29 -19.00 0.35
CA LYS A 143 20.02 -17.65 0.84
C LYS A 143 18.71 -17.62 1.63
N ARG A 144 18.71 -16.97 2.79
CA ARG A 144 17.49 -16.86 3.59
C ARG A 144 16.43 -16.09 2.81
N LYS A 145 15.16 -16.40 3.03
CA LYS A 145 14.05 -15.75 2.32
C LYS A 145 14.03 -14.23 2.31
N THR A 146 14.55 -13.61 3.37
CA THR A 146 14.55 -12.15 3.46
C THR A 146 15.65 -11.47 2.68
N GLU A 147 16.79 -12.12 2.56
CA GLU A 147 17.89 -11.55 1.84
C GLU A 147 17.85 -11.72 0.33
N ILE A 148 16.65 -11.81 -0.24
CA ILE A 148 16.54 -11.96 -1.70
C ILE A 148 15.08 -11.88 -2.15
N PRO A 149 14.82 -11.36 -3.37
CA PRO A 149 13.47 -11.22 -3.91
C PRO A 149 12.58 -12.46 -3.78
N PRO A 150 11.28 -12.28 -3.49
CA PRO A 150 10.34 -13.39 -3.35
C PRO A 150 10.41 -14.31 -4.56
N HIS A 151 10.42 -15.61 -4.32
CA HIS A 151 10.50 -16.59 -5.39
C HIS A 151 10.14 -17.99 -4.86
N LEU A 152 9.60 -18.84 -5.74
CA LEU A 152 9.24 -20.21 -5.35
C LEU A 152 10.49 -20.98 -4.98
N PHE A 153 11.57 -20.72 -5.71
CA PHE A 153 12.84 -21.39 -5.46
C PHE A 153 13.33 -21.22 -4.01
N SER A 154 12.88 -20.16 -3.37
CA SER A 154 13.29 -19.89 -1.99
C SER A 154 12.49 -20.74 -1.00
N VAL A 155 11.25 -21.05 -1.35
CA VAL A 155 10.43 -21.87 -0.46
C VAL A 155 11.00 -23.29 -0.53
N ALA A 156 11.51 -23.65 -1.71
CA ALA A 156 12.09 -24.97 -1.94
C ALA A 156 13.43 -25.08 -1.29
N ASP A 157 14.31 -24.14 -1.61
CA ASP A 157 15.65 -24.15 -1.02
C ASP A 157 15.64 -24.17 0.51
N ASN A 158 14.99 -23.18 1.09
CA ASN A 158 14.92 -23.13 2.54
C ASN A 158 14.37 -24.45 3.08
N ALA A 159 13.46 -25.08 2.34
CA ALA A 159 12.90 -26.37 2.77
C ALA A 159 14.02 -27.38 2.89
N TYR A 160 14.84 -27.44 1.84
CA TYR A 160 15.99 -28.37 1.80
C TYR A 160 16.95 -28.10 2.92
N GLN A 161 17.41 -26.86 2.99
CA GLN A 161 18.35 -26.48 4.04
C GLN A 161 17.78 -26.65 5.44
N ASN A 162 16.45 -26.68 5.55
CA ASN A 162 15.81 -26.88 6.85
C ASN A 162 15.90 -28.37 7.18
N MET A 163 15.74 -29.19 6.14
CA MET A 163 15.80 -30.62 6.29
C MET A 163 17.15 -31.05 6.79
N VAL A 164 18.21 -30.47 6.21
CA VAL A 164 19.58 -30.82 6.61
C VAL A 164 19.87 -30.28 8.01
N THR A 165 19.69 -28.98 8.15
CA THR A 165 19.93 -28.28 9.42
C THR A 165 19.19 -28.86 10.61
N ASP A 166 17.88 -28.98 10.51
CA ASP A 166 17.07 -29.48 11.61
C ASP A 166 16.93 -30.99 11.68
N ARG A 167 17.11 -31.66 10.55
CA ARG A 167 16.97 -33.13 10.51
C ARG A 167 15.53 -33.47 10.85
N GLU A 168 14.64 -33.17 9.91
CA GLU A 168 13.21 -33.41 10.10
C GLU A 168 12.53 -33.30 8.73
N ASN A 169 11.47 -34.08 8.52
CA ASN A 169 10.74 -34.06 7.28
C ASN A 169 10.19 -32.70 6.99
N GLN A 170 10.06 -32.38 5.71
CA GLN A 170 9.53 -31.10 5.26
C GLN A 170 8.30 -31.36 4.35
N SER A 171 7.35 -30.44 4.40
CA SER A 171 6.16 -30.57 3.58
C SER A 171 5.85 -29.22 2.94
N CYS A 172 5.66 -29.22 1.63
CA CYS A 172 5.35 -28.01 0.91
C CYS A 172 3.92 -28.11 0.35
N LEU A 173 2.98 -27.43 1.00
CA LEU A 173 1.60 -27.46 0.58
C LEU A 173 1.27 -26.37 -0.44
N ILE A 174 0.93 -26.79 -1.65
CA ILE A 174 0.55 -25.87 -2.73
C ILE A 174 -0.95 -26.01 -2.99
N THR A 175 -1.68 -24.91 -2.90
CA THR A 175 -3.13 -24.95 -3.10
C THR A 175 -3.52 -23.92 -4.12
N GLY A 176 -4.82 -23.72 -4.27
CA GLY A 176 -5.28 -22.77 -5.27
C GLY A 176 -6.34 -23.41 -6.17
N GLU A 177 -7.15 -22.57 -6.81
CA GLU A 177 -8.21 -23.04 -7.69
C GLU A 177 -7.69 -23.72 -8.92
N SER A 178 -8.61 -24.09 -9.80
CA SER A 178 -8.27 -24.73 -11.05
C SER A 178 -7.73 -23.65 -11.97
N GLY A 179 -6.61 -23.96 -12.64
CA GLY A 179 -6.00 -23.01 -13.54
C GLY A 179 -5.10 -21.99 -12.84
N ALA A 180 -4.85 -22.19 -11.55
CA ALA A 180 -4.02 -21.28 -10.78
C ALA A 180 -2.54 -21.51 -11.04
N GLY A 181 -2.22 -22.65 -11.64
CA GLY A 181 -0.83 -22.95 -11.94
C GLY A 181 -0.07 -23.69 -10.84
N LYS A 182 -0.79 -24.46 -10.03
CA LYS A 182 -0.13 -25.19 -8.95
C LYS A 182 0.63 -26.38 -9.45
N THR A 183 0.13 -26.98 -10.53
CA THR A 183 0.79 -28.13 -11.11
C THR A 183 2.18 -27.76 -11.62
N GLU A 184 2.26 -26.68 -12.39
CA GLU A 184 3.52 -26.24 -12.94
C GLU A 184 4.42 -25.79 -11.78
N ASN A 185 3.81 -25.35 -10.69
CA ASN A 185 4.56 -24.92 -9.51
C ASN A 185 5.18 -26.12 -8.86
N THR A 186 4.38 -27.19 -8.72
CA THR A 186 4.87 -28.43 -8.11
C THR A 186 6.07 -28.95 -8.89
N LYS A 187 5.97 -28.93 -10.21
CA LYS A 187 7.04 -29.37 -11.10
C LYS A 187 8.28 -28.54 -10.80
N LYS A 188 8.11 -27.22 -10.79
CA LYS A 188 9.23 -26.31 -10.55
C LYS A 188 9.97 -26.70 -9.28
N VAL A 189 9.21 -26.93 -8.22
CA VAL A 189 9.79 -27.30 -6.92
C VAL A 189 10.68 -28.51 -7.06
N ILE A 190 10.20 -29.49 -7.81
CA ILE A 190 10.97 -30.71 -8.07
C ILE A 190 12.24 -30.40 -8.90
N MET A 191 12.07 -29.79 -10.07
CA MET A 191 13.21 -29.43 -10.93
C MET A 191 14.30 -28.76 -10.10
N TYR A 192 13.87 -28.07 -9.05
CA TYR A 192 14.79 -27.38 -8.18
C TYR A 192 15.54 -28.34 -7.26
N LEU A 193 14.81 -29.14 -6.49
CA LEU A 193 15.44 -30.09 -5.59
C LEU A 193 16.34 -31.05 -6.35
N ALA A 194 16.01 -31.31 -7.60
CA ALA A 194 16.79 -32.21 -8.43
C ALA A 194 18.05 -31.55 -8.94
N LYS A 195 18.08 -30.22 -8.92
CA LYS A 195 19.23 -29.50 -9.42
C LYS A 195 20.10 -28.94 -8.31
N VAL A 196 19.87 -29.38 -7.07
CA VAL A 196 20.65 -28.93 -5.91
C VAL A 196 21.02 -30.13 -5.04
N ALA A 197 20.51 -31.30 -5.41
CA ALA A 197 20.79 -32.54 -4.70
C ALA A 197 20.72 -33.72 -5.69
N CYS A 198 21.57 -33.68 -6.72
CA CYS A 198 21.59 -34.71 -7.75
C CYS A 198 22.64 -35.81 -7.51
N ALA A 199 22.18 -37.05 -7.66
CA ALA A 199 23.00 -38.25 -7.47
C ALA A 199 24.52 -38.06 -7.37
N VAL A 200 25.19 -37.89 -8.51
CA VAL A 200 26.64 -37.73 -8.52
C VAL A 200 27.15 -37.43 -9.93
N GLY A 213 17.03 -44.23 -17.88
CA GLY A 213 17.70 -42.99 -17.55
C GLY A 213 17.88 -42.82 -16.04
N SER A 214 18.46 -41.68 -15.66
CA SER A 214 18.72 -41.37 -14.26
C SER A 214 17.44 -41.35 -13.43
N LEU A 215 17.62 -41.52 -12.12
CA LEU A 215 16.51 -41.51 -11.17
C LEU A 215 15.65 -40.26 -11.45
N GLU A 216 16.30 -39.11 -11.49
CA GLU A 216 15.64 -37.84 -11.75
C GLU A 216 14.77 -37.94 -13.02
N ASP A 217 15.33 -38.54 -14.05
CA ASP A 217 14.65 -38.72 -15.32
C ASP A 217 13.28 -39.38 -15.15
N GLN A 218 13.24 -40.43 -14.34
CA GLN A 218 12.00 -41.14 -14.10
C GLN A 218 10.99 -40.23 -13.39
N ILE A 219 11.44 -39.53 -12.35
CA ILE A 219 10.56 -38.61 -11.63
C ILE A 219 9.97 -37.66 -12.67
N ILE A 220 10.75 -37.42 -13.73
CA ILE A 220 10.37 -36.52 -14.80
C ILE A 220 9.48 -37.19 -15.84
N GLN A 221 9.77 -38.44 -16.18
CA GLN A 221 8.96 -39.17 -17.18
C GLN A 221 7.61 -39.60 -16.61
N ALA A 222 7.56 -39.82 -15.30
CA ALA A 222 6.34 -40.22 -14.65
C ALA A 222 5.25 -39.20 -14.96
N ASN A 223 5.65 -37.97 -15.27
CA ASN A 223 4.69 -36.92 -15.54
C ASN A 223 3.81 -37.27 -16.73
N PRO A 224 4.41 -37.47 -17.92
CA PRO A 224 3.64 -37.81 -19.12
C PRO A 224 2.50 -38.80 -18.92
N VAL A 225 2.80 -39.96 -18.35
CA VAL A 225 1.77 -40.96 -18.13
C VAL A 225 0.68 -40.55 -17.13
N LEU A 226 1.08 -39.93 -16.02
CA LEU A 226 0.10 -39.51 -15.04
C LEU A 226 -0.79 -38.42 -15.61
N GLU A 227 -0.20 -37.56 -16.43
CA GLU A 227 -0.93 -36.47 -17.06
C GLU A 227 -1.85 -37.02 -18.12
N ALA A 228 -1.44 -38.13 -18.73
CA ALA A 228 -2.25 -38.77 -19.77
C ALA A 228 -3.53 -39.34 -19.17
N TYR A 229 -3.50 -39.66 -17.88
CA TYR A 229 -4.68 -40.24 -17.26
C TYR A 229 -5.35 -39.37 -16.22
N GLY A 230 -4.65 -38.34 -15.74
CA GLY A 230 -5.25 -37.52 -14.71
C GLY A 230 -5.48 -36.08 -15.14
N ASN A 231 -5.20 -35.80 -16.41
CA ASN A 231 -5.38 -34.44 -16.91
C ASN A 231 -6.33 -34.40 -18.07
N ALA A 232 -7.04 -33.29 -18.23
CA ALA A 232 -7.98 -33.09 -19.32
C ALA A 232 -8.10 -31.59 -19.62
N LYS A 233 -8.89 -31.26 -20.64
CA LYS A 233 -9.08 -29.86 -20.99
C LYS A 233 -10.37 -29.36 -20.36
N THR A 234 -10.23 -28.29 -19.59
CA THR A 234 -11.36 -27.66 -18.92
C THR A 234 -11.37 -26.19 -19.32
N THR A 235 -12.52 -25.55 -19.13
CA THR A 235 -12.65 -24.14 -19.49
C THR A 235 -11.64 -23.29 -18.71
N ARG A 236 -11.16 -23.83 -17.60
CA ARG A 236 -10.20 -23.14 -16.76
C ARG A 236 -8.78 -23.43 -17.17
N ASN A 237 -8.49 -24.72 -17.34
CA ASN A 237 -7.12 -25.18 -17.69
C ASN A 237 -7.10 -26.17 -18.87
N ASN A 238 -6.12 -25.97 -19.77
CA ASN A 238 -5.93 -26.80 -20.96
C ASN A 238 -5.24 -28.12 -20.64
N ASN A 239 -4.76 -28.26 -19.41
CA ASN A 239 -4.09 -29.47 -19.00
C ASN A 239 -4.19 -29.52 -17.48
N SER A 240 -5.43 -29.66 -17.02
CA SER A 240 -5.75 -29.72 -15.58
C SER A 240 -5.65 -31.07 -14.89
N SER A 241 -4.91 -31.09 -13.78
CA SER A 241 -4.72 -32.30 -13.01
C SER A 241 -6.00 -32.55 -12.24
N ARG A 242 -6.79 -33.50 -12.72
CA ARG A 242 -8.05 -33.86 -12.08
C ARG A 242 -7.91 -34.79 -10.89
N PHE A 243 -6.80 -34.70 -10.18
CA PHE A 243 -6.58 -35.52 -9.01
C PHE A 243 -5.54 -34.85 -8.14
N GLY A 244 -5.67 -35.01 -6.83
CA GLY A 244 -4.74 -34.37 -5.92
C GLY A 244 -3.54 -35.26 -5.83
N LYS A 245 -2.34 -34.69 -5.66
CA LYS A 245 -1.16 -35.53 -5.59
C LYS A 245 -0.21 -35.13 -4.48
N PHE A 246 0.20 -36.11 -3.69
CA PHE A 246 1.14 -35.87 -2.61
C PHE A 246 2.43 -36.59 -3.01
N ILE A 247 3.45 -35.82 -3.40
CA ILE A 247 4.74 -36.40 -3.83
C ILE A 247 5.82 -36.25 -2.77
N ARG A 248 6.39 -37.37 -2.32
CA ARG A 248 7.44 -37.31 -1.32
C ARG A 248 8.81 -37.55 -1.97
N ILE A 249 9.79 -36.71 -1.63
CA ILE A 249 11.14 -36.83 -2.16
C ILE A 249 12.08 -37.26 -1.03
N HIS A 250 12.64 -38.47 -1.15
CA HIS A 250 13.53 -39.00 -0.12
C HIS A 250 15.00 -38.70 -0.39
N PHE A 251 15.75 -38.43 0.68
CA PHE A 251 17.18 -38.12 0.56
C PHE A 251 18.07 -39.03 1.41
N GLY A 252 19.35 -39.10 1.05
CA GLY A 252 20.32 -39.90 1.77
C GLY A 252 21.06 -39.09 2.81
N PRO A 253 21.92 -39.71 3.65
CA PRO A 253 22.69 -39.02 4.69
C PRO A 253 23.62 -37.91 4.18
N THR A 254 23.80 -37.83 2.88
CA THR A 254 24.66 -36.79 2.31
C THR A 254 23.79 -35.73 1.63
N GLY A 255 22.49 -35.78 1.94
CA GLY A 255 21.54 -34.83 1.38
C GLY A 255 21.23 -34.99 -0.10
N LYS A 256 21.34 -36.21 -0.62
CA LYS A 256 21.07 -36.42 -2.04
C LYS A 256 19.78 -37.17 -2.23
N ILE A 257 19.13 -36.93 -3.37
CA ILE A 257 17.87 -37.61 -3.66
C ILE A 257 18.07 -39.11 -3.73
N ALA A 258 17.42 -39.84 -2.83
CA ALA A 258 17.52 -41.29 -2.79
C ALA A 258 16.36 -41.95 -3.57
N GLY A 259 15.20 -41.30 -3.54
CA GLY A 259 14.03 -41.83 -4.23
C GLY A 259 12.79 -40.99 -4.01
N ALA A 260 11.65 -41.52 -4.44
CA ALA A 260 10.37 -40.82 -4.30
C ALA A 260 9.19 -41.76 -4.46
N ASP A 261 8.01 -41.27 -4.10
CA ASP A 261 6.77 -42.01 -4.23
C ASP A 261 5.64 -41.04 -4.39
N ILE A 262 4.52 -41.50 -4.91
CA ILE A 262 3.35 -40.66 -5.10
C ILE A 262 2.07 -41.19 -4.45
N GLU A 263 1.16 -40.28 -4.17
CA GLU A 263 -0.13 -40.62 -3.58
C GLU A 263 -1.16 -39.73 -4.25
N THR A 264 -2.21 -40.32 -4.79
CA THR A 264 -3.23 -39.54 -5.46
C THR A 264 -4.50 -39.38 -4.60
N TYR A 265 -5.25 -38.32 -4.88
CA TYR A 265 -6.48 -38.07 -4.14
C TYR A 265 -7.63 -37.63 -5.06
N LEU A 266 -8.83 -38.04 -4.70
CA LEU A 266 -10.04 -37.69 -5.42
C LEU A 266 -9.89 -37.54 -6.93
N LEU A 267 -9.75 -38.64 -7.64
CA LEU A 267 -9.68 -38.59 -9.10
C LEU A 267 -11.10 -38.33 -9.58
N GLU A 268 -11.24 -37.43 -10.54
CA GLU A 268 -12.56 -37.09 -11.05
C GLU A 268 -13.05 -38.14 -12.06
N LYS A 269 -13.69 -39.21 -11.59
CA LYS A 269 -14.15 -40.27 -12.48
C LYS A 269 -15.34 -39.91 -13.36
N SER A 270 -16.18 -39.00 -12.89
CA SER A 270 -17.36 -38.62 -13.67
C SER A 270 -16.97 -38.25 -15.10
N ARG A 271 -15.73 -37.79 -15.24
CA ARG A 271 -15.20 -37.39 -16.53
C ARG A 271 -15.16 -38.54 -17.58
N VAL A 272 -14.82 -39.74 -17.10
CA VAL A 272 -14.71 -40.91 -17.95
C VAL A 272 -15.89 -41.12 -18.87
N THR A 273 -17.07 -40.76 -18.42
CA THR A 273 -18.25 -40.95 -19.27
C THR A 273 -19.05 -39.70 -19.57
N TYR A 274 -18.58 -38.54 -19.12
CA TYR A 274 -19.29 -37.30 -19.39
C TYR A 274 -18.41 -36.06 -19.48
N GLN A 275 -18.57 -35.30 -20.55
CA GLN A 275 -17.79 -34.08 -20.71
C GLN A 275 -18.76 -32.92 -20.89
N GLN A 276 -18.42 -31.77 -20.33
CA GLN A 276 -19.24 -30.57 -20.47
C GLN A 276 -18.79 -29.94 -21.79
N SER A 277 -19.62 -29.09 -22.39
CA SER A 277 -19.27 -28.47 -23.66
C SER A 277 -17.92 -27.76 -23.58
N ALA A 278 -17.14 -27.85 -24.65
CA ALA A 278 -15.82 -27.22 -24.70
C ALA A 278 -14.83 -27.89 -23.76
N GLU A 279 -15.11 -29.15 -23.43
CA GLU A 279 -14.24 -29.92 -22.54
C GLU A 279 -14.01 -31.32 -23.12
N ARG A 280 -12.89 -31.93 -22.74
CA ARG A 280 -12.57 -33.25 -23.24
C ARG A 280 -12.46 -34.19 -22.07
N ASN A 281 -12.22 -35.46 -22.39
CA ASN A 281 -12.04 -36.49 -21.36
C ASN A 281 -10.50 -36.50 -21.19
N TYR A 282 -9.98 -37.39 -20.35
CA TYR A 282 -8.55 -37.44 -20.14
C TYR A 282 -7.84 -37.57 -21.47
N HIS A 283 -6.72 -36.85 -21.61
CA HIS A 283 -5.90 -36.84 -22.83
C HIS A 283 -5.66 -38.23 -23.45
N ILE A 284 -5.37 -39.21 -22.60
CA ILE A 284 -5.09 -40.56 -23.06
C ILE A 284 -6.03 -41.09 -24.15
N PHE A 285 -7.33 -40.88 -23.96
CA PHE A 285 -8.32 -41.35 -24.94
C PHE A 285 -8.08 -40.76 -26.34
N TYR A 286 -7.70 -39.49 -26.39
CA TYR A 286 -7.49 -38.85 -27.66
C TYR A 286 -6.14 -39.25 -28.23
N GLN A 287 -5.23 -39.71 -27.36
CA GLN A 287 -3.91 -40.11 -27.82
C GLN A 287 -4.05 -41.47 -28.49
N ILE A 288 -4.80 -42.37 -27.87
CA ILE A 288 -4.97 -43.71 -28.43
C ILE A 288 -5.78 -43.69 -29.73
N CYS A 289 -6.43 -42.56 -30.02
CA CYS A 289 -7.22 -42.40 -31.25
C CYS A 289 -6.57 -41.37 -32.17
N SER A 290 -5.27 -41.19 -32.02
CA SER A 290 -4.55 -40.21 -32.81
C SER A 290 -3.93 -40.83 -34.03
N ASN A 291 -3.63 -42.11 -33.94
CA ASN A 291 -3.00 -42.84 -35.04
C ASN A 291 -1.52 -42.45 -35.15
N ALA A 292 -0.92 -42.12 -34.01
CA ALA A 292 0.50 -41.77 -33.94
C ALA A 292 1.31 -43.08 -33.99
N ILE A 293 0.66 -44.17 -33.60
CA ILE A 293 1.30 -45.49 -33.62
C ILE A 293 0.25 -46.43 -34.23
N PRO A 294 0.10 -46.38 -35.57
CA PRO A 294 -0.85 -47.21 -36.33
C PRO A 294 -0.77 -48.67 -35.99
N GLU A 295 0.45 -49.09 -35.65
CA GLU A 295 0.68 -50.49 -35.32
C GLU A 295 -0.10 -50.96 -34.08
N LEU A 296 -0.63 -50.03 -33.30
CA LEU A 296 -1.37 -50.35 -32.09
C LEU A 296 -2.85 -50.27 -32.28
N ASN A 297 -3.26 -49.69 -33.41
CA ASN A 297 -4.66 -49.54 -33.74
C ASN A 297 -5.43 -50.86 -33.65
N ASP A 298 -4.73 -51.96 -33.92
CA ASP A 298 -5.34 -53.29 -33.91
C ASP A 298 -5.34 -53.97 -32.54
N VAL A 299 -4.25 -53.78 -31.80
CA VAL A 299 -4.12 -54.38 -30.49
C VAL A 299 -5.15 -53.77 -29.56
N MET A 300 -5.73 -52.65 -29.97
CA MET A 300 -6.74 -51.97 -29.17
C MET A 300 -8.12 -52.02 -29.86
N LEU A 301 -8.10 -52.31 -31.16
CA LEU A 301 -9.32 -52.40 -31.96
C LEU A 301 -10.02 -51.07 -32.07
N VAL A 302 -9.25 -50.00 -32.26
CA VAL A 302 -9.84 -48.66 -32.39
C VAL A 302 -9.57 -48.04 -33.76
N THR A 303 -10.47 -47.15 -34.19
CA THR A 303 -10.33 -46.48 -35.44
C THR A 303 -9.96 -45.07 -35.07
N PRO A 304 -8.84 -44.57 -35.61
CA PRO A 304 -8.28 -43.23 -35.40
C PRO A 304 -9.21 -42.03 -35.52
N ASP A 305 -10.38 -42.09 -34.89
CA ASP A 305 -11.31 -40.95 -34.92
C ASP A 305 -11.97 -40.74 -33.56
N SER A 306 -11.73 -39.59 -32.96
CA SER A 306 -12.25 -39.30 -31.65
C SER A 306 -13.75 -39.09 -31.63
N GLY A 307 -14.25 -38.23 -32.51
CA GLY A 307 -15.68 -37.96 -32.54
C GLY A 307 -16.54 -39.18 -32.84
N LEU A 308 -15.89 -40.34 -32.87
CA LEU A 308 -16.59 -41.56 -33.16
C LEU A 308 -17.15 -42.27 -31.93
N TYR A 309 -16.48 -42.13 -30.79
CA TYR A 309 -16.93 -42.78 -29.56
C TYR A 309 -17.66 -41.83 -28.62
N SER A 310 -18.85 -42.24 -28.19
CA SER A 310 -19.69 -41.41 -27.32
C SER A 310 -19.18 -41.09 -25.90
N PHE A 311 -18.15 -41.80 -25.45
CA PHE A 311 -17.61 -41.51 -24.13
C PHE A 311 -16.57 -40.40 -24.21
N ILE A 312 -16.25 -39.93 -25.41
CA ILE A 312 -15.27 -38.86 -25.56
C ILE A 312 -15.61 -37.79 -26.58
N ASN A 313 -16.64 -38.02 -27.39
CA ASN A 313 -17.03 -37.06 -28.41
C ASN A 313 -18.16 -36.13 -27.98
N GLN A 314 -18.32 -35.98 -26.66
CA GLN A 314 -19.39 -35.15 -26.12
C GLN A 314 -19.06 -33.65 -26.09
N GLY A 315 -17.94 -33.28 -25.47
CA GLY A 315 -17.57 -31.86 -25.41
C GLY A 315 -16.89 -31.54 -26.71
N CYS A 316 -15.68 -31.01 -26.64
CA CYS A 316 -14.92 -30.70 -27.85
C CYS A 316 -13.89 -31.81 -28.01
N LEU A 317 -13.28 -31.91 -29.18
CA LEU A 317 -12.30 -32.97 -29.43
C LEU A 317 -10.84 -32.54 -29.47
N THR A 318 -10.57 -31.32 -29.92
CA THR A 318 -9.20 -30.86 -30.02
C THR A 318 -8.82 -29.79 -29.02
N VAL A 319 -7.51 -29.51 -28.94
CA VAL A 319 -6.96 -28.49 -28.07
C VAL A 319 -5.82 -27.83 -28.84
N ASP A 320 -5.76 -26.49 -28.81
CA ASP A 320 -4.76 -25.73 -29.53
C ASP A 320 -3.31 -26.09 -29.21
N ASN A 321 -2.93 -25.99 -27.94
CA ASN A 321 -1.55 -26.28 -27.54
C ASN A 321 -1.28 -27.76 -27.27
N ILE A 322 -2.26 -28.61 -27.53
CA ILE A 322 -2.10 -30.05 -27.29
C ILE A 322 -1.98 -30.82 -28.61
N ASP A 323 -0.79 -31.37 -28.89
CA ASP A 323 -0.59 -32.16 -30.10
C ASP A 323 -0.81 -33.61 -29.72
N ASP A 324 -2.06 -34.03 -29.73
CA ASP A 324 -2.44 -35.39 -29.37
C ASP A 324 -1.65 -36.50 -30.06
N VAL A 325 -0.99 -36.17 -31.16
CA VAL A 325 -0.23 -37.21 -31.86
C VAL A 325 1.20 -37.28 -31.31
N GLU A 326 1.78 -36.12 -31.03
CA GLU A 326 3.11 -36.07 -30.45
C GLU A 326 3.04 -36.70 -29.06
N GLU A 327 2.21 -36.08 -28.22
CA GLU A 327 2.02 -36.50 -26.84
C GLU A 327 1.88 -38.01 -26.67
N PHE A 328 1.20 -38.67 -27.58
CA PHE A 328 1.01 -40.11 -27.49
C PHE A 328 2.33 -40.84 -27.73
N LYS A 329 3.10 -40.35 -28.69
CA LYS A 329 4.39 -40.94 -29.00
C LYS A 329 5.27 -40.84 -27.76
N LEU A 330 5.27 -39.65 -27.17
CA LEU A 330 6.06 -39.39 -25.99
C LEU A 330 5.57 -40.27 -24.85
N CYS A 331 4.26 -40.37 -24.73
CA CYS A 331 3.65 -41.19 -23.69
C CYS A 331 4.18 -42.62 -23.83
N ASP A 332 4.09 -43.13 -25.05
CA ASP A 332 4.58 -44.47 -25.36
C ASP A 332 6.01 -44.59 -24.86
N GLU A 333 6.84 -43.62 -25.22
CA GLU A 333 8.24 -43.62 -24.82
C GLU A 333 8.36 -43.51 -23.30
N ALA A 334 7.54 -42.64 -22.70
CA ALA A 334 7.55 -42.43 -21.26
C ALA A 334 7.43 -43.77 -20.57
N PHE A 335 6.54 -44.63 -21.08
CA PHE A 335 6.36 -45.95 -20.49
C PHE A 335 7.65 -46.75 -20.61
N ASP A 336 8.24 -46.72 -21.80
CA ASP A 336 9.48 -47.43 -22.03
C ASP A 336 10.55 -47.00 -21.01
N ILE A 337 10.80 -45.69 -21.00
CA ILE A 337 11.78 -45.12 -20.09
C ILE A 337 11.49 -45.50 -18.61
N LEU A 338 10.23 -45.77 -18.29
CA LEU A 338 9.85 -46.15 -16.94
C LEU A 338 10.07 -47.63 -16.71
N GLY A 339 10.35 -48.36 -17.79
CA GLY A 339 10.60 -49.79 -17.65
C GLY A 339 9.39 -50.69 -17.81
N PHE A 340 8.24 -50.12 -18.13
CA PHE A 340 7.06 -50.95 -18.34
C PHE A 340 7.35 -52.04 -19.39
N THR A 341 6.76 -53.22 -19.18
CA THR A 341 6.91 -54.33 -20.10
C THR A 341 5.99 -54.08 -21.30
N LYS A 342 6.32 -54.69 -22.43
CA LYS A 342 5.48 -54.54 -23.64
C LYS A 342 4.08 -55.07 -23.30
N GLU A 343 4.03 -56.22 -22.63
CA GLU A 343 2.77 -56.81 -22.24
C GLU A 343 1.97 -55.90 -21.30
N GLU A 344 2.68 -55.14 -20.46
CA GLU A 344 2.01 -54.24 -19.53
C GLU A 344 1.48 -53.02 -20.26
N LYS A 345 2.37 -52.29 -20.92
CA LYS A 345 1.99 -51.11 -21.65
C LYS A 345 0.78 -51.38 -22.53
N GLN A 346 0.87 -52.43 -23.33
CA GLN A 346 -0.25 -52.77 -24.19
C GLN A 346 -1.50 -53.11 -23.39
N SER A 347 -1.31 -53.76 -22.24
CA SER A 347 -2.46 -54.10 -21.41
C SER A 347 -3.14 -52.79 -21.00
N MET A 348 -2.32 -51.79 -20.72
CA MET A 348 -2.84 -50.48 -20.33
C MET A 348 -3.67 -49.92 -21.48
N PHE A 349 -3.10 -49.91 -22.68
CA PHE A 349 -3.78 -49.40 -23.85
C PHE A 349 -5.08 -50.16 -24.11
N LYS A 350 -4.98 -51.47 -24.01
CA LYS A 350 -6.14 -52.32 -24.22
C LYS A 350 -7.29 -51.97 -23.28
N CYS A 351 -7.00 -51.85 -21.99
CA CYS A 351 -8.04 -51.56 -21.03
C CYS A 351 -8.63 -50.20 -21.33
N THR A 352 -7.79 -49.32 -21.84
CA THR A 352 -8.23 -47.98 -22.14
C THR A 352 -9.18 -48.00 -23.34
N ALA A 353 -8.75 -48.63 -24.42
CA ALA A 353 -9.53 -48.70 -25.64
C ALA A 353 -10.93 -49.32 -25.42
N SER A 354 -11.00 -50.30 -24.54
CA SER A 354 -12.26 -50.98 -24.29
C SER A 354 -13.33 -50.05 -23.73
N ILE A 355 -12.90 -49.07 -22.91
CA ILE A 355 -13.87 -48.15 -22.34
C ILE A 355 -14.55 -47.40 -23.48
N LEU A 356 -13.80 -47.20 -24.55
CA LEU A 356 -14.35 -46.49 -25.71
C LEU A 356 -15.46 -47.32 -26.32
N HIS A 357 -15.23 -48.62 -26.37
CA HIS A 357 -16.21 -49.53 -26.94
C HIS A 357 -17.40 -49.71 -26.00
N MET A 358 -17.16 -49.62 -24.70
CA MET A 358 -18.24 -49.78 -23.74
C MET A 358 -19.34 -48.78 -24.03
N GLY A 359 -18.94 -47.53 -24.26
CA GLY A 359 -19.91 -46.49 -24.53
C GLY A 359 -20.57 -46.67 -25.89
N GLU A 360 -20.05 -47.62 -26.66
CA GLU A 360 -20.60 -47.85 -27.98
C GLU A 360 -21.53 -49.07 -28.05
N MET A 361 -21.88 -49.62 -26.89
CA MET A 361 -22.79 -50.76 -26.82
C MET A 361 -24.19 -50.22 -26.62
N LYS A 362 -25.13 -50.58 -27.50
CA LYS A 362 -26.49 -50.10 -27.34
C LYS A 362 -27.41 -51.28 -26.99
N PHE A 363 -28.57 -50.97 -26.40
CA PHE A 363 -29.49 -52.03 -26.01
C PHE A 363 -30.94 -51.85 -26.48
N LYS A 364 -31.57 -52.97 -26.83
CA LYS A 364 -32.95 -52.97 -27.29
C LYS A 364 -33.82 -53.12 -26.04
N GLN A 365 -34.87 -52.32 -25.93
CA GLN A 365 -35.74 -52.35 -24.77
C GLN A 365 -36.89 -53.37 -24.72
N ARG A 366 -38.11 -52.85 -24.82
CA ARG A 366 -39.37 -53.60 -24.70
C ARG A 366 -39.92 -54.60 -25.75
N PRO A 367 -39.54 -55.90 -25.70
CA PRO A 367 -40.16 -56.76 -26.73
C PRO A 367 -41.63 -56.84 -26.30
N ARG A 368 -41.83 -57.36 -25.08
CA ARG A 368 -43.14 -57.45 -24.47
C ARG A 368 -42.90 -57.53 -22.96
N GLU A 369 -41.77 -56.95 -22.54
CA GLU A 369 -41.37 -56.95 -21.14
C GLU A 369 -40.75 -55.64 -20.69
N GLU A 370 -40.65 -55.47 -19.37
CA GLU A 370 -40.08 -54.27 -18.77
C GLU A 370 -38.58 -54.51 -18.55
N GLN A 371 -38.00 -55.48 -19.25
CA GLN A 371 -36.59 -55.79 -19.11
C GLN A 371 -35.87 -55.72 -20.45
N ALA A 372 -34.69 -55.10 -20.44
CA ALA A 372 -33.90 -54.91 -21.65
C ALA A 372 -33.12 -56.09 -22.26
N GLU A 373 -32.61 -55.86 -23.47
CA GLU A 373 -31.85 -56.86 -24.20
C GLU A 373 -30.78 -56.08 -25.00
N SER A 374 -29.82 -56.79 -25.57
CA SER A 374 -28.77 -56.12 -26.35
C SER A 374 -29.19 -55.87 -27.80
N ASP A 375 -28.41 -55.07 -28.51
CA ASP A 375 -28.67 -54.75 -29.91
C ASP A 375 -27.37 -54.88 -30.73
N GLY A 376 -26.86 -56.10 -30.82
CA GLY A 376 -25.64 -56.37 -31.54
C GLY A 376 -24.59 -56.76 -30.53
N THR A 377 -23.46 -57.31 -30.98
CA THR A 377 -22.40 -57.68 -30.04
C THR A 377 -21.12 -56.98 -30.41
N ALA A 378 -20.88 -56.84 -31.70
CA ALA A 378 -19.69 -56.13 -32.23
C ALA A 378 -18.82 -55.56 -31.10
N GLU A 379 -19.44 -54.57 -30.45
CA GLU A 379 -18.97 -53.77 -29.34
C GLU A 379 -18.71 -54.52 -28.02
N ALA A 380 -19.61 -55.43 -27.67
CA ALA A 380 -19.55 -56.18 -26.44
C ALA A 380 -18.52 -57.31 -26.63
N GLU A 381 -18.25 -57.65 -27.89
CA GLU A 381 -17.31 -58.70 -28.25
C GLU A 381 -15.93 -58.12 -28.15
N LYS A 382 -15.78 -56.89 -28.65
CA LYS A 382 -14.49 -56.20 -28.63
C LYS A 382 -14.06 -55.93 -27.21
N VAL A 383 -15.05 -55.55 -26.40
CA VAL A 383 -14.76 -55.30 -25.00
C VAL A 383 -14.31 -56.60 -24.35
N ALA A 384 -15.05 -57.66 -24.66
CA ALA A 384 -14.75 -58.97 -24.10
C ALA A 384 -13.35 -59.40 -24.52
N PHE A 385 -13.00 -59.10 -25.76
CA PHE A 385 -11.69 -59.46 -26.30
C PHE A 385 -10.56 -58.80 -25.52
N LEU A 386 -10.55 -57.47 -25.52
CA LEU A 386 -9.53 -56.67 -24.82
C LEU A 386 -9.49 -56.95 -23.32
N CYS A 387 -10.64 -57.33 -22.74
CA CYS A 387 -10.72 -57.60 -21.32
C CYS A 387 -10.53 -59.08 -21.00
N GLY A 388 -10.35 -59.89 -22.03
CA GLY A 388 -10.14 -61.32 -21.85
C GLY A 388 -11.27 -62.13 -21.23
N ILE A 389 -12.52 -61.78 -21.55
CA ILE A 389 -13.64 -62.53 -21.02
C ILE A 389 -14.60 -62.93 -22.14
N ASN A 390 -15.68 -63.60 -21.78
CA ASN A 390 -16.67 -64.04 -22.75
C ASN A 390 -17.72 -62.96 -22.94
N ALA A 391 -17.98 -62.59 -24.19
CA ALA A 391 -18.97 -61.56 -24.49
C ALA A 391 -20.38 -62.05 -24.16
N GLY A 392 -20.60 -63.37 -24.24
CA GLY A 392 -21.90 -63.90 -23.93
C GLY A 392 -22.05 -63.77 -22.45
N ASP A 393 -20.96 -64.09 -21.74
CA ASP A 393 -20.92 -64.00 -20.29
C ASP A 393 -21.12 -62.58 -19.86
N LEU A 394 -20.31 -61.70 -20.43
CA LEU A 394 -20.36 -60.28 -20.10
C LEU A 394 -21.77 -59.71 -20.26
N LEU A 395 -22.34 -59.90 -21.45
CA LEU A 395 -23.68 -59.38 -21.72
C LEU A 395 -24.78 -60.08 -20.95
N LYS A 396 -24.57 -61.35 -20.60
CA LYS A 396 -25.60 -62.08 -19.87
C LYS A 396 -25.62 -61.53 -18.45
N ALA A 397 -24.45 -61.16 -17.93
CA ALA A 397 -24.36 -60.61 -16.59
C ALA A 397 -24.72 -59.12 -16.59
N LEU A 398 -24.42 -58.42 -17.69
CA LEU A 398 -24.64 -57.00 -17.80
C LEU A 398 -26.15 -56.81 -17.93
N LEU A 399 -26.80 -57.76 -18.59
CA LEU A 399 -28.24 -57.67 -18.78
C LEU A 399 -28.86 -58.11 -17.45
N LYS A 400 -29.27 -59.37 -17.33
CA LYS A 400 -29.86 -59.78 -16.04
C LYS A 400 -28.87 -60.37 -14.99
N PRO A 401 -28.38 -59.55 -14.06
CA PRO A 401 -27.47 -59.94 -12.97
C PRO A 401 -27.68 -61.19 -12.21
N LYS A 402 -26.84 -61.25 -11.21
CA LYS A 402 -26.78 -62.34 -10.30
C LYS A 402 -26.12 -61.80 -9.04
N VAL A 403 -26.96 -61.43 -8.10
CA VAL A 403 -26.51 -60.86 -6.85
C VAL A 403 -26.01 -61.93 -5.89
N LYS A 404 -25.72 -61.51 -4.67
CA LYS A 404 -25.20 -62.44 -3.68
C LYS A 404 -26.06 -62.42 -2.43
N VAL A 405 -27.27 -62.94 -2.49
CA VAL A 405 -28.05 -62.96 -1.27
C VAL A 405 -27.56 -64.17 -0.45
N GLY A 406 -27.39 -63.96 0.85
CA GLY A 406 -26.95 -65.04 1.73
C GLY A 406 -27.62 -66.35 1.49
N THR A 407 -26.82 -67.43 1.61
CA THR A 407 -27.20 -68.83 1.40
C THR A 407 -28.00 -69.22 0.16
N GLU A 408 -28.28 -68.26 -0.69
CA GLU A 408 -29.07 -68.55 -1.86
C GLU A 408 -29.09 -67.38 -2.83
N MET A 409 -27.93 -66.88 -3.23
CA MET A 409 -27.86 -65.74 -4.12
C MET A 409 -28.88 -65.69 -5.30
N VAL A 410 -29.37 -64.48 -5.61
CA VAL A 410 -30.40 -64.26 -6.67
C VAL A 410 -30.01 -63.71 -8.04
N THR A 411 -31.03 -63.51 -8.88
CA THR A 411 -30.90 -62.97 -10.23
C THR A 411 -31.73 -61.70 -10.27
N LYS A 412 -31.17 -60.62 -10.81
CA LYS A 412 -31.91 -59.37 -10.90
C LYS A 412 -32.26 -59.02 -12.32
N GLY A 413 -33.24 -58.14 -12.47
CA GLY A 413 -33.67 -57.73 -13.80
C GLY A 413 -33.22 -56.30 -14.02
N GLN A 414 -32.51 -56.07 -15.13
CA GLN A 414 -32.02 -54.73 -15.42
C GLN A 414 -32.92 -54.01 -16.42
N ASN A 415 -32.84 -52.68 -16.38
CA ASN A 415 -33.62 -51.77 -17.20
C ASN A 415 -32.80 -51.18 -18.36
N MET A 416 -33.47 -50.39 -19.18
CA MET A 416 -32.81 -49.71 -20.29
C MET A 416 -31.83 -48.81 -19.54
N ASN A 417 -32.38 -48.02 -18.61
CA ASN A 417 -31.61 -47.10 -17.79
C ASN A 417 -30.57 -47.86 -16.96
N GLN A 418 -31.04 -48.81 -16.17
CA GLN A 418 -30.15 -49.57 -15.30
C GLN A 418 -28.94 -50.18 -15.99
N VAL A 419 -29.12 -50.64 -17.22
CA VAL A 419 -28.02 -51.26 -17.95
C VAL A 419 -26.99 -50.26 -18.49
N VAL A 420 -27.47 -49.15 -19.05
CA VAL A 420 -26.54 -48.17 -19.60
C VAL A 420 -25.78 -47.50 -18.46
N ASN A 421 -26.42 -47.42 -17.30
CA ASN A 421 -25.76 -46.83 -16.15
C ASN A 421 -24.84 -47.82 -15.43
N SER A 422 -24.89 -49.08 -15.82
CA SER A 422 -24.02 -50.07 -15.21
C SER A 422 -22.75 -50.18 -16.06
N VAL A 423 -22.89 -49.79 -17.32
CA VAL A 423 -21.76 -49.80 -18.22
C VAL A 423 -20.85 -48.62 -17.85
N GLY A 424 -21.46 -47.46 -17.66
CA GLY A 424 -20.70 -46.28 -17.29
C GLY A 424 -20.04 -46.53 -15.96
N ALA A 425 -20.73 -47.27 -15.10
CA ALA A 425 -20.20 -47.58 -13.79
C ALA A 425 -18.96 -48.44 -13.97
N LEU A 426 -19.08 -49.39 -14.90
CA LEU A 426 -17.98 -50.31 -15.22
C LEU A 426 -16.75 -49.51 -15.72
N ALA A 427 -16.96 -48.60 -16.66
CA ALA A 427 -15.88 -47.79 -17.21
C ALA A 427 -15.28 -46.94 -16.10
N LYS A 428 -16.13 -46.23 -15.39
CA LYS A 428 -15.67 -45.39 -14.29
C LYS A 428 -14.86 -46.21 -13.32
N SER A 429 -15.46 -47.32 -12.86
CA SER A 429 -14.78 -48.20 -11.91
C SER A 429 -13.48 -48.80 -12.46
N LEU A 430 -13.48 -49.08 -13.76
CA LEU A 430 -12.31 -49.67 -14.40
C LEU A 430 -11.18 -48.66 -14.47
N TYR A 431 -11.50 -47.46 -14.93
CA TYR A 431 -10.52 -46.40 -15.06
C TYR A 431 -9.80 -46.13 -13.71
N ASP A 432 -10.59 -45.93 -12.66
CA ASP A 432 -10.06 -45.67 -11.34
C ASP A 432 -9.05 -46.76 -10.96
N ARG A 433 -9.51 -48.00 -10.93
CA ARG A 433 -8.65 -49.13 -10.59
C ARG A 433 -7.36 -49.06 -11.40
N MET A 434 -7.52 -48.84 -12.70
CA MET A 434 -6.41 -48.78 -13.64
C MET A 434 -5.43 -47.67 -13.21
N PHE A 435 -5.97 -46.49 -12.95
CA PHE A 435 -5.15 -45.35 -12.56
C PHE A 435 -4.39 -45.66 -11.26
N ASN A 436 -5.09 -46.24 -10.29
CA ASN A 436 -4.43 -46.56 -9.02
C ASN A 436 -3.32 -47.55 -9.23
N TRP A 437 -3.52 -48.48 -10.16
CA TRP A 437 -2.51 -49.49 -10.47
C TRP A 437 -1.32 -48.80 -11.16
N LEU A 438 -1.64 -47.78 -11.98
CA LEU A 438 -0.63 -47.00 -12.70
C LEU A 438 0.30 -46.28 -11.69
N VAL A 439 -0.29 -45.47 -10.84
CA VAL A 439 0.47 -44.77 -9.80
C VAL A 439 1.30 -45.76 -8.97
N ARG A 440 0.68 -46.87 -8.58
CA ARG A 440 1.36 -47.89 -7.78
C ARG A 440 2.51 -48.49 -8.59
N ARG A 441 2.36 -48.56 -9.92
CA ARG A 441 3.39 -49.13 -10.76
C ARG A 441 4.54 -48.14 -10.85
N VAL A 442 4.20 -46.87 -11.05
CA VAL A 442 5.22 -45.85 -11.16
C VAL A 442 6.02 -45.85 -9.87
N ASN A 443 5.31 -45.88 -8.74
CA ASN A 443 5.94 -45.89 -7.44
C ASN A 443 6.94 -47.03 -7.40
N LYS A 444 6.49 -48.18 -7.86
CA LYS A 444 7.31 -49.38 -7.88
C LYS A 444 8.63 -49.11 -8.57
N THR A 445 8.61 -48.25 -9.58
CA THR A 445 9.82 -47.91 -10.31
C THR A 445 10.71 -46.95 -9.53
N LEU A 446 10.12 -45.84 -9.07
CA LEU A 446 10.83 -44.82 -8.32
C LEU A 446 11.28 -45.28 -6.94
N ASP A 447 10.99 -46.53 -6.60
CA ASP A 447 11.38 -47.04 -5.30
C ASP A 447 12.70 -47.80 -5.33
N THR A 448 13.81 -47.07 -5.33
CA THR A 448 15.13 -47.69 -5.33
C THR A 448 15.40 -48.07 -3.87
N LYS A 449 15.34 -49.37 -3.59
CA LYS A 449 15.55 -49.89 -2.25
C LYS A 449 16.80 -49.38 -1.55
N ALA A 450 16.66 -48.25 -0.88
CA ALA A 450 17.76 -47.62 -0.14
C ALA A 450 17.11 -46.83 0.99
N LYS A 451 16.33 -47.52 1.83
CA LYS A 451 15.60 -46.93 2.95
C LYS A 451 16.25 -45.67 3.55
N ARG A 452 15.90 -44.57 2.90
CA ARG A 452 16.33 -43.21 3.18
C ARG A 452 16.31 -42.73 4.63
N ASN A 453 16.77 -41.48 4.80
CA ASN A 453 16.87 -40.80 6.08
C ASN A 453 15.68 -39.89 6.37
N TYR A 454 15.47 -38.90 5.51
CA TYR A 454 14.35 -37.98 5.67
C TYR A 454 13.76 -37.69 4.30
N TYR A 455 12.70 -36.90 4.26
CA TYR A 455 12.09 -36.57 2.98
C TYR A 455 11.46 -35.19 3.03
N ILE A 456 10.90 -34.77 1.91
CA ILE A 456 10.22 -33.50 1.82
C ILE A 456 9.11 -33.72 0.79
N GLY A 457 7.88 -33.77 1.29
CA GLY A 457 6.73 -33.99 0.44
C GLY A 457 6.07 -32.73 -0.12
N VAL A 458 5.57 -32.83 -1.33
CA VAL A 458 4.90 -31.73 -1.97
C VAL A 458 3.43 -32.11 -2.20
N LEU A 459 2.52 -31.36 -1.58
CA LEU A 459 1.11 -31.58 -1.76
C LEU A 459 0.61 -30.74 -2.92
N ASP A 460 -0.41 -31.22 -3.60
CA ASP A 460 -0.94 -30.51 -4.74
C ASP A 460 -2.40 -30.92 -4.98
N ILE A 461 -3.30 -30.36 -4.19
CA ILE A 461 -4.72 -30.68 -4.31
C ILE A 461 -5.50 -29.41 -4.63
N ALA A 462 -6.75 -29.57 -5.04
CA ALA A 462 -7.58 -28.43 -5.33
C ALA A 462 -7.77 -27.67 -4.04
N GLY A 463 -8.03 -26.37 -4.14
CA GLY A 463 -8.23 -25.55 -2.96
C GLY A 463 -9.69 -25.39 -2.61
N PHE A 464 -9.97 -24.68 -1.52
CA PHE A 464 -11.34 -24.43 -1.08
C PHE A 464 -12.03 -23.52 -2.09
N GLU A 465 -13.09 -24.00 -2.71
CA GLU A 465 -13.79 -23.21 -3.69
C GLU A 465 -15.29 -23.29 -3.47
N ILE A 466 -15.98 -22.16 -3.63
CA ILE A 466 -17.43 -22.12 -3.46
C ILE A 466 -18.04 -21.80 -4.80
N PHE A 467 -19.13 -22.47 -5.18
CA PHE A 467 -19.76 -22.22 -6.47
C PHE A 467 -21.22 -21.83 -6.35
N ASP A 468 -21.91 -21.80 -7.48
CA ASP A 468 -23.33 -21.46 -7.50
C ASP A 468 -24.09 -22.70 -7.03
N PHE A 469 -23.58 -23.87 -7.42
CA PHE A 469 -24.19 -25.16 -7.07
C PHE A 469 -23.04 -25.99 -6.53
N ASN A 470 -23.07 -26.32 -5.24
CA ASN A 470 -22.01 -27.12 -4.66
C ASN A 470 -22.55 -28.48 -4.29
N SER A 471 -21.82 -29.52 -4.69
CA SER A 471 -22.27 -30.89 -4.42
C SER A 471 -21.24 -31.73 -3.64
N PHE A 472 -21.52 -33.04 -3.57
CA PHE A 472 -20.68 -33.98 -2.85
C PHE A 472 -19.21 -33.81 -3.21
N GLU A 473 -18.95 -33.47 -4.46
CA GLU A 473 -17.56 -33.29 -4.88
C GLU A 473 -16.94 -32.08 -4.20
N GLN A 474 -17.67 -30.98 -4.17
CA GLN A 474 -17.18 -29.77 -3.54
C GLN A 474 -17.03 -29.97 -2.03
N LEU A 475 -17.89 -30.81 -1.46
CA LEU A 475 -17.83 -31.06 -0.02
C LEU A 475 -16.51 -31.72 0.28
N CYS A 476 -16.19 -32.77 -0.48
CA CYS A 476 -14.94 -33.50 -0.33
C CYS A 476 -13.74 -32.56 -0.44
N ILE A 477 -13.78 -31.65 -1.41
CA ILE A 477 -12.72 -30.66 -1.58
C ILE A 477 -12.62 -29.73 -0.36
N ASN A 478 -13.68 -28.98 -0.11
CA ASN A 478 -13.70 -28.06 1.02
C ASN A 478 -13.40 -28.74 2.35
N TYR A 479 -13.88 -29.97 2.48
CA TYR A 479 -13.64 -30.73 3.70
C TYR A 479 -12.13 -31.02 3.86
N THR A 480 -11.45 -31.28 2.75
CA THR A 480 -10.02 -31.56 2.80
C THR A 480 -9.25 -30.28 3.21
N ASN A 481 -9.47 -29.21 2.46
CA ASN A 481 -8.80 -27.96 2.75
C ASN A 481 -9.11 -27.53 4.19
N GLU A 482 -10.28 -27.94 4.68
CA GLU A 482 -10.71 -27.58 6.01
C GLU A 482 -9.68 -28.15 6.98
N ARG A 483 -9.43 -29.46 6.83
CA ARG A 483 -8.44 -30.16 7.66
C ARG A 483 -7.09 -29.50 7.40
N LEU A 484 -6.81 -29.20 6.14
CA LEU A 484 -5.56 -28.58 5.78
C LEU A 484 -5.35 -27.19 6.36
N GLN A 485 -6.40 -26.37 6.35
CA GLN A 485 -6.26 -25.04 6.91
C GLN A 485 -6.00 -25.12 8.43
N GLN A 486 -6.65 -26.09 9.08
CA GLN A 486 -6.48 -26.28 10.50
C GLN A 486 -5.03 -26.59 10.81
N PHE A 487 -4.40 -27.28 9.86
CA PHE A 487 -2.99 -27.64 9.98
C PHE A 487 -2.10 -26.39 10.02
N PHE A 488 -2.49 -25.36 9.26
CA PHE A 488 -1.77 -24.09 9.19
C PHE A 488 -1.92 -23.30 10.47
N ASN A 489 -3.18 -23.09 10.87
CA ASN A 489 -3.47 -22.36 12.09
C ASN A 489 -2.68 -22.94 13.25
N HIS A 490 -2.58 -24.26 13.29
CA HIS A 490 -1.83 -24.94 14.34
C HIS A 490 -0.35 -24.60 14.20
N HIS A 491 0.15 -24.64 12.98
CA HIS A 491 1.54 -24.30 12.74
C HIS A 491 1.79 -22.83 13.17
N MET A 492 0.95 -21.93 12.67
CA MET A 492 1.07 -20.52 13.04
C MET A 492 0.99 -20.38 14.57
N PHE A 493 0.15 -21.19 15.20
CA PHE A 493 0.00 -21.14 16.65
C PHE A 493 1.32 -21.45 17.37
N ILE A 494 1.90 -22.61 17.08
CA ILE A 494 3.15 -23.01 17.70
C ILE A 494 4.21 -21.96 17.46
N LEU A 495 4.29 -21.47 16.24
CA LEU A 495 5.26 -20.45 15.88
C LEU A 495 5.12 -19.21 16.76
N GLU A 496 3.89 -18.71 16.88
CA GLU A 496 3.60 -17.53 17.71
C GLU A 496 3.97 -17.76 19.18
N GLN A 497 3.60 -18.92 19.72
CA GLN A 497 3.93 -19.24 21.12
C GLN A 497 5.43 -19.15 21.34
N GLU A 498 6.17 -19.94 20.58
CA GLU A 498 7.61 -19.97 20.71
C GLU A 498 8.26 -18.61 20.56
N GLU A 499 7.57 -17.70 19.88
CA GLU A 499 8.10 -16.35 19.69
C GLU A 499 7.88 -15.54 20.98
N TYR A 500 6.63 -15.51 21.43
CA TYR A 500 6.29 -14.79 22.63
C TYR A 500 7.11 -15.28 23.82
N LYS A 501 7.15 -16.59 24.01
CA LYS A 501 7.91 -17.17 25.12
C LYS A 501 9.38 -16.80 24.94
N LYS A 502 9.82 -16.74 23.69
CA LYS A 502 11.20 -16.41 23.40
C LYS A 502 11.53 -14.95 23.70
N GLU A 503 10.51 -14.12 23.89
CA GLU A 503 10.72 -12.70 24.18
C GLU A 503 10.19 -12.35 25.55
N GLY A 504 10.15 -13.34 26.42
CA GLY A 504 9.65 -13.13 27.76
C GLY A 504 8.29 -12.48 27.88
N ILE A 505 7.58 -12.38 26.77
CA ILE A 505 6.27 -11.76 26.78
C ILE A 505 5.23 -12.83 26.50
N ALA A 506 5.42 -14.02 27.05
CA ALA A 506 4.49 -15.13 26.85
C ALA A 506 3.09 -14.64 27.21
N TRP A 507 2.07 -15.42 26.89
CA TRP A 507 0.75 -14.92 27.17
C TRP A 507 -0.39 -15.94 27.00
N GLU A 508 -1.55 -15.60 27.56
CA GLU A 508 -2.79 -16.40 27.51
C GLU A 508 -2.81 -17.42 26.42
N PHE A 509 -3.37 -17.05 25.26
CA PHE A 509 -3.44 -17.94 24.11
C PHE A 509 -4.60 -18.95 24.25
N ILE A 510 -4.76 -19.84 23.26
CA ILE A 510 -5.75 -20.96 23.23
C ILE A 510 -5.14 -21.90 22.16
N ASP A 511 -5.51 -21.68 20.89
CA ASP A 511 -4.98 -22.44 19.74
C ASP A 511 -5.83 -22.12 18.54
N PHE A 512 -5.19 -21.94 17.40
CA PHE A 512 -5.92 -21.58 16.20
C PHE A 512 -6.73 -22.68 15.57
N GLY A 513 -6.41 -23.94 15.86
CA GLY A 513 -7.20 -25.05 15.33
C GLY A 513 -8.40 -25.04 16.30
N MET A 514 -9.26 -24.06 16.13
CA MET A 514 -10.40 -23.89 17.01
C MET A 514 -11.73 -24.16 16.36
N ASP A 515 -12.39 -23.09 15.91
CA ASP A 515 -13.70 -23.23 15.29
C ASP A 515 -13.58 -24.18 14.10
N LEU A 516 -12.34 -24.56 13.78
CA LEU A 516 -12.09 -25.46 12.70
C LEU A 516 -12.53 -26.88 13.04
N GLN A 517 -12.41 -27.28 14.31
CA GLN A 517 -12.80 -28.63 14.72
C GLN A 517 -14.28 -28.94 14.71
N MET A 518 -15.09 -27.97 15.08
CA MET A 518 -16.53 -28.19 15.08
C MET A 518 -16.98 -28.60 13.68
N CYS A 519 -16.54 -27.82 12.69
CA CYS A 519 -16.91 -28.09 11.31
C CYS A 519 -16.37 -29.44 10.86
N ILE A 520 -15.11 -29.71 11.21
CA ILE A 520 -14.48 -30.95 10.82
C ILE A 520 -15.19 -32.15 11.42
N ASP A 521 -15.55 -32.04 12.69
CA ASP A 521 -16.24 -33.15 13.36
C ASP A 521 -17.62 -33.34 12.77
N LEU A 522 -18.28 -32.23 12.45
CA LEU A 522 -19.60 -32.29 11.87
C LEU A 522 -19.57 -33.11 10.58
N ILE A 523 -18.38 -33.27 10.02
CA ILE A 523 -18.23 -34.01 8.78
C ILE A 523 -17.62 -35.42 8.89
N GLU A 524 -16.49 -35.54 9.58
CA GLU A 524 -15.80 -36.82 9.70
C GLU A 524 -16.10 -37.66 10.93
N LYS A 525 -16.72 -37.05 11.94
CA LYS A 525 -16.98 -37.78 13.18
C LYS A 525 -18.24 -38.66 13.14
N PRO A 526 -18.26 -39.70 13.98
CA PRO A 526 -19.32 -40.70 14.15
C PRO A 526 -20.70 -40.36 13.63
N MET A 527 -21.47 -39.53 14.33
CA MET A 527 -22.80 -39.26 13.77
C MET A 527 -22.89 -38.03 12.90
N GLY A 528 -21.82 -37.75 12.18
CA GLY A 528 -21.75 -36.58 11.33
C GLY A 528 -22.22 -36.82 9.91
N ILE A 529 -22.11 -35.80 9.06
CA ILE A 529 -22.55 -35.87 7.67
C ILE A 529 -22.12 -37.10 6.91
N LEU A 530 -20.86 -37.13 6.50
CA LEU A 530 -20.32 -38.25 5.72
C LEU A 530 -20.69 -39.59 6.33
N SER A 531 -20.63 -39.65 7.66
CA SER A 531 -20.96 -40.88 8.36
C SER A 531 -22.40 -41.30 8.01
N ILE A 532 -23.29 -40.32 7.94
CA ILE A 532 -24.68 -40.61 7.62
C ILE A 532 -24.76 -41.03 6.17
N LEU A 533 -23.91 -40.46 5.33
CA LEU A 533 -23.89 -40.79 3.92
C LEU A 533 -23.54 -42.26 3.72
N GLU A 534 -22.51 -42.71 4.42
CA GLU A 534 -22.06 -44.10 4.34
C GLU A 534 -23.08 -45.05 4.92
N GLU A 535 -23.60 -44.73 6.10
CA GLU A 535 -24.60 -45.56 6.76
C GLU A 535 -25.83 -45.68 5.84
N GLU A 536 -26.27 -44.54 5.29
CA GLU A 536 -27.44 -44.50 4.46
C GLU A 536 -27.28 -45.08 3.06
N CYS A 537 -26.20 -45.81 2.81
CA CYS A 537 -25.97 -46.39 1.48
C CYS A 537 -26.26 -47.88 1.43
N MET A 538 -25.80 -48.60 2.45
CA MET A 538 -26.01 -50.04 2.52
C MET A 538 -27.49 -50.43 2.58
N PHE A 539 -28.35 -49.43 2.37
CA PHE A 539 -29.81 -49.60 2.36
C PHE A 539 -30.23 -49.42 0.91
N PRO A 540 -30.98 -50.40 0.35
CA PRO A 540 -31.43 -50.31 -1.04
C PRO A 540 -32.37 -49.14 -1.37
N LYS A 541 -33.53 -49.17 -0.72
CA LYS A 541 -34.59 -48.18 -0.87
C LYS A 541 -34.26 -46.87 -0.14
N ALA A 542 -33.09 -46.32 -0.41
CA ALA A 542 -32.67 -45.07 0.23
C ALA A 542 -32.90 -43.89 -0.71
N ASP A 543 -33.69 -42.94 -0.23
CA ASP A 543 -34.05 -41.76 -1.02
C ASP A 543 -33.13 -40.58 -0.76
N ASP A 544 -33.25 -39.57 -1.62
CA ASP A 544 -32.48 -38.34 -1.47
C ASP A 544 -33.05 -37.68 -0.21
N LYS A 545 -34.38 -37.56 -0.19
CA LYS A 545 -35.07 -36.95 0.96
C LYS A 545 -35.00 -37.87 2.15
N SER A 546 -34.39 -39.03 1.94
CA SER A 546 -34.19 -40.01 3.00
C SER A 546 -32.93 -39.52 3.72
N PHE A 547 -31.88 -39.34 2.93
CA PHE A 547 -30.59 -38.86 3.41
C PHE A 547 -30.81 -37.49 4.07
N GLN A 548 -31.69 -36.70 3.47
CA GLN A 548 -32.00 -35.37 3.97
C GLN A 548 -32.65 -35.49 5.33
N ASP A 549 -33.73 -36.25 5.38
CA ASP A 549 -34.48 -36.45 6.62
C ASP A 549 -33.57 -36.80 7.80
N LYS A 550 -32.72 -37.79 7.59
CA LYS A 550 -31.78 -38.25 8.61
C LYS A 550 -30.74 -37.17 8.94
N LEU A 551 -30.26 -36.47 7.91
CA LEU A 551 -29.27 -35.41 8.08
C LEU A 551 -29.80 -34.36 9.03
N TYR A 552 -30.96 -33.81 8.65
CA TYR A 552 -31.62 -32.75 9.43
C TYR A 552 -31.81 -33.17 10.89
N GLN A 553 -32.38 -34.35 11.10
CA GLN A 553 -32.63 -34.86 12.45
C GLN A 553 -31.44 -34.78 13.40
N ASN A 554 -30.26 -35.18 12.94
CA ASN A 554 -29.08 -35.19 13.80
C ASN A 554 -28.44 -33.85 14.06
N HIS A 555 -28.44 -32.96 13.07
CA HIS A 555 -27.75 -31.68 13.26
C HIS A 555 -28.58 -30.43 13.10
N MET A 556 -29.72 -30.53 12.44
CA MET A 556 -30.56 -29.35 12.26
C MET A 556 -31.16 -28.92 13.59
N GLY A 557 -30.79 -27.73 14.05
CA GLY A 557 -31.30 -27.24 15.31
C GLY A 557 -30.43 -27.61 16.49
N LYS A 558 -29.31 -28.25 16.22
CA LYS A 558 -28.40 -28.66 17.26
C LYS A 558 -27.04 -28.05 17.00
N ASN A 559 -26.70 -27.95 15.72
CA ASN A 559 -25.41 -27.42 15.30
C ASN A 559 -25.44 -26.00 14.78
N ARG A 560 -24.56 -25.17 15.32
CA ARG A 560 -24.48 -23.77 14.89
C ARG A 560 -23.81 -23.74 13.53
N MET A 561 -22.83 -24.63 13.34
CA MET A 561 -22.08 -24.71 12.09
C MET A 561 -22.90 -25.37 10.99
N PHE A 562 -24.11 -25.79 11.32
CA PHE A 562 -25.00 -26.43 10.37
C PHE A 562 -26.34 -25.70 10.36
N THR A 563 -26.69 -25.04 9.26
CA THR A 563 -27.94 -24.30 9.21
C THR A 563 -28.75 -24.50 7.92
N LYS A 564 -29.81 -23.71 7.78
CA LYS A 564 -30.70 -23.79 6.63
C LYS A 564 -30.32 -22.73 5.60
N PRO A 565 -30.63 -22.97 4.31
CA PRO A 565 -30.31 -22.01 3.25
C PRO A 565 -30.74 -20.59 3.62
N GLY A 566 -29.88 -19.60 3.34
CA GLY A 566 -30.21 -18.22 3.64
C GLY A 566 -30.41 -17.39 2.39
N LYS A 567 -30.35 -16.07 2.53
CA LYS A 567 -30.53 -15.17 1.40
C LYS A 567 -29.38 -15.33 0.40
N PRO A 568 -29.68 -15.75 -0.84
CA PRO A 568 -28.64 -15.93 -1.86
C PRO A 568 -27.62 -14.77 -1.88
N THR A 569 -26.34 -15.13 -2.00
CA THR A 569 -25.26 -14.15 -2.02
C THR A 569 -24.90 -13.57 -3.39
N ARG A 570 -24.91 -14.41 -4.42
CA ARG A 570 -24.57 -13.95 -5.76
C ARG A 570 -25.62 -14.35 -6.79
N PRO A 571 -25.56 -13.76 -8.00
CA PRO A 571 -26.54 -14.11 -9.03
C PRO A 571 -26.37 -15.57 -9.45
N ASN A 572 -27.48 -16.28 -9.59
CA ASN A 572 -27.45 -17.67 -10.02
C ASN A 572 -27.17 -18.72 -8.95
N GLN A 573 -27.38 -18.44 -7.67
CA GLN A 573 -27.14 -19.49 -6.70
C GLN A 573 -28.08 -20.62 -7.11
N GLY A 574 -27.62 -21.86 -6.98
CA GLY A 574 -28.46 -22.99 -7.36
C GLY A 574 -29.21 -23.49 -6.15
N PRO A 575 -29.93 -24.62 -6.26
CA PRO A 575 -30.65 -25.12 -5.09
C PRO A 575 -29.69 -25.30 -3.92
N ALA A 576 -30.21 -25.76 -2.79
CA ALA A 576 -29.39 -25.98 -1.61
C ALA A 576 -30.26 -26.61 -0.54
N HIS A 577 -29.71 -27.63 0.13
CA HIS A 577 -30.45 -28.29 1.17
C HIS A 577 -29.97 -27.90 2.56
N PHE A 578 -28.73 -27.42 2.66
CA PHE A 578 -28.19 -27.02 3.96
C PHE A 578 -26.92 -26.22 3.78
N GLU A 579 -26.58 -25.43 4.80
CA GLU A 579 -25.38 -24.59 4.78
C GLU A 579 -24.34 -25.06 5.79
N LEU A 580 -23.08 -24.94 5.42
CA LEU A 580 -22.01 -25.37 6.32
C LEU A 580 -21.07 -24.20 6.55
N HIS A 581 -20.87 -23.84 7.82
CA HIS A 581 -19.96 -22.73 8.14
C HIS A 581 -18.48 -23.17 8.12
N HIS A 582 -17.86 -23.07 6.95
CA HIS A 582 -16.47 -23.43 6.81
C HIS A 582 -15.70 -22.18 7.25
N TYR A 583 -14.42 -22.33 7.44
CA TYR A 583 -13.60 -21.21 7.86
C TYR A 583 -13.61 -20.14 6.78
N ALA A 584 -13.91 -20.55 5.56
CA ALA A 584 -13.93 -19.63 4.43
C ALA A 584 -15.31 -19.00 4.20
N GLY A 585 -16.28 -19.46 4.96
CA GLY A 585 -17.63 -18.95 4.82
C GLY A 585 -18.66 -20.05 4.84
N ASN A 586 -19.94 -19.68 4.84
CA ASN A 586 -21.00 -20.69 4.86
C ASN A 586 -21.38 -21.14 3.45
N VAL A 587 -21.01 -22.37 3.13
CA VAL A 587 -21.24 -22.96 1.82
C VAL A 587 -22.53 -23.76 1.69
N PRO A 588 -23.42 -23.34 0.80
CA PRO A 588 -24.68 -24.05 0.59
C PRO A 588 -24.44 -25.31 -0.27
N TYR A 589 -24.83 -26.47 0.27
CA TYR A 589 -24.64 -27.73 -0.46
C TYR A 589 -25.99 -28.34 -0.87
N SER A 590 -25.98 -29.08 -1.96
CA SER A 590 -27.17 -29.76 -2.43
C SER A 590 -26.83 -31.26 -2.40
N ILE A 591 -27.51 -32.01 -1.54
CA ILE A 591 -27.23 -33.42 -1.40
C ILE A 591 -27.90 -34.32 -2.43
N THR A 592 -28.36 -33.74 -3.52
CA THR A 592 -29.00 -34.49 -4.59
C THR A 592 -27.98 -35.36 -5.34
N GLY A 593 -28.19 -36.67 -5.28
CA GLY A 593 -27.30 -37.57 -5.98
C GLY A 593 -26.18 -38.15 -5.16
N TRP A 594 -25.98 -37.60 -3.96
CA TRP A 594 -24.89 -38.05 -3.11
C TRP A 594 -24.85 -39.56 -2.91
N LEU A 595 -26.04 -40.15 -2.75
CA LEU A 595 -26.10 -41.59 -2.53
C LEU A 595 -25.49 -42.33 -3.71
N GLU A 596 -25.85 -41.90 -4.92
CA GLU A 596 -25.33 -42.56 -6.11
C GLU A 596 -23.85 -42.24 -6.32
N LYS A 597 -23.46 -41.01 -6.00
CA LYS A 597 -22.08 -40.58 -6.18
C LYS A 597 -21.12 -41.16 -5.15
N ASN A 598 -21.66 -41.69 -4.06
CA ASN A 598 -20.82 -42.23 -3.01
C ASN A 598 -20.41 -43.67 -3.32
N LYS A 599 -21.38 -44.53 -3.59
CA LYS A 599 -21.09 -45.93 -3.90
C LYS A 599 -21.02 -46.10 -5.41
N ASP A 600 -20.23 -47.05 -5.88
CA ASP A 600 -20.12 -47.30 -7.31
C ASP A 600 -20.93 -48.54 -7.67
N PRO A 601 -22.22 -48.38 -7.98
CA PRO A 601 -22.97 -49.59 -8.32
C PRO A 601 -22.15 -50.27 -9.39
N ILE A 602 -21.77 -51.51 -9.17
CA ILE A 602 -20.93 -52.20 -10.12
C ILE A 602 -21.29 -53.69 -10.11
N ASN A 603 -21.81 -54.18 -11.24
CA ASN A 603 -22.21 -55.58 -11.38
C ASN A 603 -21.27 -56.53 -10.65
N GLU A 604 -21.68 -56.90 -9.44
CA GLU A 604 -20.92 -57.81 -8.62
C GLU A 604 -20.64 -59.01 -9.50
N ASN A 605 -21.58 -59.25 -10.41
CA ASN A 605 -21.47 -60.35 -11.33
C ASN A 605 -20.39 -60.09 -12.40
N VAL A 606 -20.52 -58.95 -13.07
CA VAL A 606 -19.53 -58.59 -14.08
C VAL A 606 -18.13 -58.66 -13.49
N VAL A 607 -17.99 -58.14 -12.26
CA VAL A 607 -16.72 -58.10 -11.57
C VAL A 607 -16.14 -59.49 -11.51
N ALA A 608 -16.95 -60.45 -11.03
CA ALA A 608 -16.50 -61.84 -10.91
C ALA A 608 -15.92 -62.38 -12.23
N LEU A 609 -16.64 -62.12 -13.32
CA LEU A 609 -16.19 -62.58 -14.63
C LEU A 609 -14.79 -62.05 -14.95
N LEU A 610 -14.62 -60.73 -14.79
CA LEU A 610 -13.35 -60.07 -15.07
C LEU A 610 -12.32 -60.55 -14.05
N GLY A 611 -12.80 -60.86 -12.85
CA GLY A 611 -11.88 -61.35 -11.85
C GLY A 611 -11.21 -62.57 -12.41
N ALA A 612 -11.95 -63.32 -13.21
CA ALA A 612 -11.44 -64.53 -13.83
C ALA A 612 -10.99 -64.22 -15.26
N SER A 613 -10.78 -62.95 -15.58
CA SER A 613 -10.33 -62.57 -16.92
C SER A 613 -9.03 -63.27 -17.25
N LYS A 614 -8.61 -63.21 -18.51
CA LYS A 614 -7.38 -63.87 -18.92
C LYS A 614 -6.24 -62.88 -19.06
N GLU A 615 -6.55 -61.59 -19.24
CA GLU A 615 -5.51 -60.56 -19.32
C GLU A 615 -5.00 -60.30 -17.92
N PRO A 616 -3.67 -60.49 -17.71
CA PRO A 616 -3.07 -60.26 -16.39
C PRO A 616 -3.46 -58.95 -15.71
N LEU A 617 -3.45 -57.85 -16.45
CA LEU A 617 -3.78 -56.56 -15.88
C LEU A 617 -5.24 -56.53 -15.42
N VAL A 618 -6.12 -57.02 -16.28
CA VAL A 618 -7.54 -57.02 -15.96
C VAL A 618 -7.83 -57.91 -14.76
N ALA A 619 -7.13 -59.04 -14.68
CA ALA A 619 -7.34 -59.96 -13.57
C ALA A 619 -6.97 -59.29 -12.27
N GLU A 620 -5.77 -58.71 -12.27
CA GLU A 620 -5.24 -57.99 -11.09
C GLU A 620 -6.11 -56.78 -10.73
N LEU A 621 -6.70 -56.14 -11.74
CA LEU A 621 -7.53 -54.96 -11.50
C LEU A 621 -8.82 -55.32 -10.80
N PHE A 622 -9.30 -56.53 -11.03
CA PHE A 622 -10.53 -56.95 -10.39
C PHE A 622 -10.36 -58.21 -9.52
N LYS A 623 -9.31 -58.23 -8.69
CA LYS A 623 -9.08 -59.37 -7.82
C LYS A 623 -9.71 -59.09 -6.46
N ALA A 624 -10.45 -60.06 -5.94
CA ALA A 624 -11.12 -59.97 -4.65
C ALA A 624 -10.17 -60.25 -3.48
N PRO A 625 -10.46 -59.69 -2.27
CA PRO A 625 -9.71 -59.80 -1.02
C PRO A 625 -9.35 -61.21 -0.48
N GLU A 626 -9.39 -61.37 0.84
CA GLU A 626 -9.10 -62.64 1.48
C GLU A 626 -10.16 -63.00 2.52
N GLN A 643 -15.18 -49.36 0.85
CA GLN A 643 -15.34 -49.23 -0.61
C GLN A 643 -15.82 -47.86 -1.02
N THR A 644 -16.91 -47.41 -0.39
CA THR A 644 -17.49 -46.11 -0.68
C THR A 644 -16.43 -44.99 -0.76
N ILE A 645 -16.60 -44.07 -1.72
CA ILE A 645 -15.67 -42.96 -1.91
C ILE A 645 -15.34 -42.22 -0.60
N SER A 646 -16.37 -41.76 0.11
CA SER A 646 -16.17 -41.02 1.33
C SER A 646 -15.35 -41.78 2.37
N ALA A 647 -15.51 -43.08 2.42
CA ALA A 647 -14.78 -43.88 3.39
C ALA A 647 -13.33 -44.08 2.97
N VAL A 648 -13.11 -44.00 1.67
CA VAL A 648 -11.77 -44.17 1.12
C VAL A 648 -10.94 -42.90 1.31
N HIS A 649 -11.54 -41.75 1.00
CA HIS A 649 -10.84 -40.49 1.10
C HIS A 649 -10.54 -40.14 2.55
N ARG A 650 -11.53 -40.34 3.39
CA ARG A 650 -11.36 -40.03 4.80
C ARG A 650 -10.22 -40.84 5.40
N GLU A 651 -10.01 -42.05 4.90
CA GLU A 651 -8.96 -42.91 5.41
C GLU A 651 -7.61 -42.47 4.86
N SER A 652 -7.58 -42.13 3.58
CA SER A 652 -6.35 -41.71 2.95
C SER A 652 -6.03 -40.25 3.35
N LEU A 653 -7.01 -39.56 3.92
CA LEU A 653 -6.81 -38.19 4.32
C LEU A 653 -6.19 -38.22 5.70
N ASN A 654 -6.59 -39.18 6.51
CA ASN A 654 -6.07 -39.29 7.86
C ASN A 654 -4.59 -39.61 7.77
N LYS A 655 -4.25 -40.41 6.77
CA LYS A 655 -2.86 -40.81 6.56
C LYS A 655 -2.08 -39.58 6.20
N LEU A 656 -2.59 -38.89 5.17
CA LEU A 656 -1.97 -37.66 4.70
C LEU A 656 -1.69 -36.70 5.86
N MET A 657 -2.74 -36.41 6.65
CA MET A 657 -2.63 -35.50 7.77
C MET A 657 -1.68 -35.98 8.84
N LYS A 658 -1.77 -37.27 9.17
CA LYS A 658 -0.88 -37.83 10.19
C LYS A 658 0.56 -37.58 9.74
N ASN A 659 0.79 -37.72 8.43
CA ASN A 659 2.10 -37.49 7.88
C ASN A 659 2.49 -36.02 7.99
N LEU A 660 1.64 -35.14 7.48
CA LEU A 660 1.87 -33.71 7.48
C LEU A 660 2.21 -33.19 8.88
N TYR A 661 1.43 -33.58 9.89
CA TYR A 661 1.67 -33.12 11.24
C TYR A 661 3.00 -33.58 11.79
N SER A 662 3.71 -34.43 11.07
CA SER A 662 5.04 -34.88 11.52
C SER A 662 6.12 -34.31 10.62
N THR A 663 5.82 -33.20 9.96
CA THR A 663 6.76 -32.51 9.09
C THR A 663 6.80 -31.02 9.41
N HIS A 664 7.71 -30.31 8.76
CA HIS A 664 7.85 -28.86 8.93
C HIS A 664 7.18 -28.29 7.69
N PRO A 665 6.03 -27.62 7.88
CA PRO A 665 5.24 -27.03 6.81
C PRO A 665 5.85 -25.87 6.04
N HIS A 666 5.26 -25.63 4.88
CA HIS A 666 5.64 -24.56 3.97
C HIS A 666 4.39 -24.39 3.13
N PHE A 667 4.05 -23.16 2.78
CA PHE A 667 2.83 -22.94 2.03
C PHE A 667 2.98 -22.09 0.76
N VAL A 668 2.44 -22.59 -0.33
CA VAL A 668 2.49 -21.91 -1.61
C VAL A 668 1.07 -21.70 -2.06
N ARG A 669 0.63 -20.44 -2.07
CA ARG A 669 -0.74 -20.08 -2.46
C ARG A 669 -0.84 -19.59 -3.91
N CYS A 670 -1.28 -20.48 -4.79
CA CYS A 670 -1.40 -20.15 -6.21
C CYS A 670 -2.67 -19.39 -6.41
N ILE A 671 -2.62 -18.35 -7.26
CA ILE A 671 -3.78 -17.53 -7.51
C ILE A 671 -3.97 -17.22 -8.99
N ILE A 672 -5.21 -17.33 -9.46
CA ILE A 672 -5.53 -17.07 -10.85
C ILE A 672 -6.11 -15.66 -10.98
N PRO A 673 -5.42 -14.76 -11.68
CA PRO A 673 -5.85 -13.37 -11.87
C PRO A 673 -7.09 -13.09 -12.71
N ASN A 674 -7.33 -13.89 -13.75
CA ASN A 674 -8.52 -13.66 -14.59
C ASN A 674 -9.02 -14.88 -15.33
N GLU A 675 -10.22 -14.77 -15.90
CA GLU A 675 -10.84 -15.87 -16.64
C GLU A 675 -10.51 -15.85 -18.13
N LEU A 676 -9.47 -15.12 -18.51
CA LEU A 676 -9.09 -15.01 -19.92
C LEU A 676 -7.70 -15.48 -20.27
N LYS A 677 -6.95 -15.91 -19.27
CA LYS A 677 -5.58 -16.37 -19.45
C LYS A 677 -4.69 -15.24 -19.96
N GLN A 678 -5.15 -14.00 -19.78
CA GLN A 678 -4.41 -12.81 -20.22
C GLN A 678 -3.41 -12.31 -19.18
N PRO A 679 -2.13 -12.15 -19.56
CA PRO A 679 -1.11 -11.68 -18.63
C PRO A 679 -1.36 -10.24 -18.21
N GLY A 680 -0.99 -9.91 -16.99
CA GLY A 680 -1.16 -8.54 -16.52
C GLY A 680 -2.58 -8.11 -16.17
N LEU A 681 -3.58 -8.90 -16.54
CA LEU A 681 -4.96 -8.56 -16.24
C LEU A 681 -5.39 -9.07 -14.88
N VAL A 682 -5.81 -8.15 -14.01
CA VAL A 682 -6.25 -8.53 -12.68
C VAL A 682 -7.73 -8.31 -12.51
N ASP A 683 -8.39 -9.30 -11.95
CA ASP A 683 -9.84 -9.21 -11.69
C ASP A 683 -10.03 -9.29 -10.16
N ALA A 684 -10.26 -8.13 -9.56
CA ALA A 684 -10.45 -8.02 -8.12
C ALA A 684 -11.42 -9.03 -7.50
N GLU A 685 -12.66 -9.03 -7.98
CA GLU A 685 -13.68 -9.91 -7.45
C GLU A 685 -13.22 -11.36 -7.45
N LEU A 686 -12.24 -11.67 -8.29
CA LEU A 686 -11.71 -13.03 -8.39
C LEU A 686 -10.56 -13.26 -7.38
N VAL A 687 -9.56 -12.36 -7.38
CA VAL A 687 -8.43 -12.50 -6.48
C VAL A 687 -8.90 -12.45 -5.05
N LEU A 688 -9.78 -11.50 -4.76
CA LEU A 688 -10.33 -11.34 -3.42
C LEU A 688 -11.03 -12.61 -2.97
N HIS A 689 -11.77 -13.21 -3.89
CA HIS A 689 -12.50 -14.45 -3.63
C HIS A 689 -11.50 -15.50 -3.17
N GLN A 690 -10.44 -15.67 -3.97
CA GLN A 690 -9.40 -16.63 -3.66
C GLN A 690 -8.75 -16.30 -2.33
N LEU A 691 -8.38 -15.05 -2.10
CA LEU A 691 -7.76 -14.69 -0.81
C LEU A 691 -8.65 -15.07 0.39
N GLN A 692 -9.95 -15.01 0.20
CA GLN A 692 -10.90 -15.35 1.25
C GLN A 692 -10.84 -16.84 1.59
N CYS A 693 -10.66 -17.67 0.57
CA CYS A 693 -10.57 -19.13 0.74
C CYS A 693 -9.14 -19.62 0.69
N ASN A 694 -8.25 -18.78 0.21
CA ASN A 694 -6.84 -19.04 0.05
C ASN A 694 -6.18 -19.46 1.35
N GLY A 695 -6.38 -18.65 2.39
CA GLY A 695 -5.76 -18.92 3.68
C GLY A 695 -4.98 -17.70 4.17
N VAL A 696 -4.76 -16.74 3.28
CA VAL A 696 -4.04 -15.52 3.61
C VAL A 696 -4.87 -14.65 4.53
N LEU A 697 -6.12 -14.42 4.17
CA LEU A 697 -7.00 -13.59 4.99
C LEU A 697 -7.23 -14.24 6.33
N GLU A 698 -7.35 -15.56 6.33
CA GLU A 698 -7.57 -16.30 7.57
C GLU A 698 -6.29 -16.39 8.38
N GLY A 699 -5.17 -16.24 7.70
CA GLY A 699 -3.90 -16.27 8.38
C GLY A 699 -3.61 -14.93 9.02
N ILE A 700 -4.25 -13.89 8.49
CA ILE A 700 -4.07 -12.54 9.00
C ILE A 700 -4.97 -12.34 10.23
N ARG A 701 -6.16 -12.91 10.18
CA ARG A 701 -7.10 -12.82 11.28
C ARG A 701 -6.56 -13.63 12.44
N ILE A 702 -5.98 -14.77 12.11
CA ILE A 702 -5.40 -15.67 13.11
C ILE A 702 -4.27 -14.96 13.87
N CYS A 703 -3.48 -14.19 13.14
CA CYS A 703 -2.38 -13.47 13.75
C CYS A 703 -2.80 -12.16 14.40
N ARG A 704 -4.03 -11.73 14.13
CA ARG A 704 -4.53 -10.49 14.70
C ARG A 704 -4.78 -10.66 16.20
N LYS A 705 -5.26 -11.83 16.62
CA LYS A 705 -5.54 -12.11 18.01
C LYS A 705 -4.40 -11.73 18.89
N GLY A 706 -3.18 -12.04 18.44
CA GLY A 706 -1.99 -11.72 19.21
C GLY A 706 -1.47 -10.31 18.94
N PHE A 707 -0.15 -10.19 18.82
CA PHE A 707 0.47 -8.88 18.55
C PHE A 707 1.28 -8.95 17.27
N PRO A 708 0.64 -8.66 16.12
CA PRO A 708 1.25 -8.68 14.79
C PRO A 708 2.51 -7.84 14.67
N SER A 709 2.38 -6.67 14.05
CA SER A 709 3.52 -5.78 13.83
C SER A 709 4.46 -5.62 15.03
N ARG A 710 5.75 -5.87 14.80
CA ARG A 710 6.74 -5.73 15.85
C ARG A 710 7.98 -5.02 15.35
N LEU A 711 8.59 -4.22 16.23
CA LEU A 711 9.79 -3.48 15.90
C LEU A 711 10.83 -3.72 16.98
N ILE A 712 12.09 -3.81 16.58
CA ILE A 712 13.15 -4.02 17.54
C ILE A 712 13.56 -2.65 18.08
N TYR A 713 13.34 -2.46 19.38
CA TYR A 713 13.66 -1.21 20.07
C TYR A 713 14.57 -0.24 19.33
N SER A 714 15.68 -0.74 18.78
CA SER A 714 16.62 0.10 18.04
C SER A 714 15.84 0.97 17.08
N GLU A 715 15.03 0.34 16.24
CA GLU A 715 14.23 1.02 15.25
C GLU A 715 13.20 1.95 15.90
N PHE A 716 12.52 1.46 16.93
CA PHE A 716 11.48 2.23 17.60
C PHE A 716 11.95 3.63 18.01
N LYS A 717 13.12 3.70 18.63
CA LYS A 717 13.61 5.00 19.06
C LYS A 717 13.92 5.89 17.86
N GLN A 718 14.59 5.33 16.86
CA GLN A 718 14.95 6.10 15.70
C GLN A 718 13.72 6.68 15.02
N ARG A 719 12.66 5.89 15.01
CA ARG A 719 11.43 6.28 14.34
C ARG A 719 10.43 7.09 15.19
N TYR A 720 10.37 6.82 16.49
CA TYR A 720 9.41 7.53 17.34
C TYR A 720 9.94 8.37 18.50
N SER A 721 11.19 8.83 18.42
CA SER A 721 11.72 9.68 19.47
C SER A 721 11.04 11.06 19.38
N ILE A 722 10.54 11.38 18.20
CA ILE A 722 9.86 12.64 17.94
C ILE A 722 8.59 12.75 18.76
N LEU A 723 8.04 11.61 19.16
CA LEU A 723 6.81 11.62 19.93
C LEU A 723 7.02 11.94 21.39
N ALA A 724 8.29 12.03 21.80
CA ALA A 724 8.57 12.36 23.21
C ALA A 724 10.01 12.84 23.41
N PRO A 725 10.37 13.98 22.80
CA PRO A 725 11.72 14.52 22.93
C PRO A 725 12.06 14.97 24.34
N ASN A 726 11.12 15.60 25.03
CA ASN A 726 11.36 16.10 26.39
C ASN A 726 11.38 15.06 27.49
N ALA A 727 11.42 13.78 27.11
CA ALA A 727 11.47 12.69 28.09
C ALA A 727 12.70 11.82 27.81
N ILE A 728 13.44 12.18 26.74
CA ILE A 728 14.63 11.42 26.34
C ILE A 728 15.96 11.99 26.88
N PRO A 729 16.62 11.24 27.78
CA PRO A 729 17.90 11.60 28.41
C PRO A 729 19.00 12.07 27.46
N GLN A 730 19.33 11.25 26.47
CA GLN A 730 20.37 11.55 25.49
C GLN A 730 21.76 11.48 26.14
N ASP A 734 18.89 3.79 26.85
CA ASP A 734 19.34 2.44 26.57
C ASP A 734 18.91 1.96 25.18
N GLY A 735 17.66 1.53 25.08
CA GLY A 735 17.13 1.05 23.81
C GLY A 735 15.67 0.74 24.04
N LYS A 736 15.41 -0.21 24.93
CA LYS A 736 14.04 -0.56 25.28
C LYS A 736 13.62 0.61 26.15
N THR A 737 14.59 1.12 26.91
CA THR A 737 14.39 2.25 27.81
C THR A 737 13.67 3.38 27.08
N VAL A 738 14.36 3.96 26.11
CA VAL A 738 13.82 5.05 25.32
C VAL A 738 12.39 4.70 24.91
N SER A 739 12.25 3.50 24.35
CA SER A 739 10.96 3.02 23.87
C SER A 739 9.95 2.95 25.00
N GLU A 740 10.38 2.43 26.16
CA GLU A 740 9.50 2.31 27.31
C GLU A 740 9.08 3.70 27.81
N LYS A 741 9.93 4.68 27.52
CA LYS A 741 9.66 6.06 27.89
C LYS A 741 8.74 6.70 26.88
N ILE A 742 8.99 6.42 25.60
CA ILE A 742 8.15 7.01 24.56
C ILE A 742 6.72 6.54 24.70
N LEU A 743 6.58 5.23 24.89
CA LEU A 743 5.26 4.62 25.01
C LEU A 743 4.56 5.09 26.26
N ALA A 744 5.26 5.00 27.38
CA ALA A 744 4.69 5.44 28.66
C ALA A 744 4.32 6.92 28.52
N GLY A 745 5.24 7.70 27.96
CA GLY A 745 5.00 9.12 27.75
C GLY A 745 3.75 9.34 26.95
N LEU A 746 3.61 8.60 25.87
CA LEU A 746 2.43 8.74 25.03
C LEU A 746 1.16 8.24 25.73
N GLN A 747 1.30 7.86 27.00
CA GLN A 747 0.18 7.36 27.78
C GLN A 747 -0.44 6.18 27.01
N MET A 748 0.45 5.37 26.46
CA MET A 748 0.05 4.18 25.69
C MET A 748 -0.86 3.27 26.49
N ASP A 749 -1.88 2.73 25.82
CA ASP A 749 -2.82 1.81 26.46
C ASP A 749 -2.13 0.45 26.61
N PRO A 750 -1.89 0.01 27.85
CA PRO A 750 -1.25 -1.25 28.18
C PRO A 750 -1.61 -2.41 27.27
N ALA A 751 -2.88 -2.47 26.86
CA ALA A 751 -3.35 -3.54 25.99
C ALA A 751 -2.71 -3.44 24.60
N GLU A 752 -2.76 -2.26 24.01
CA GLU A 752 -2.20 -1.95 22.71
C GLU A 752 -0.84 -2.60 22.41
N TYR A 753 0.07 -2.57 23.38
CA TYR A 753 1.41 -3.10 23.17
C TYR A 753 1.87 -4.10 24.22
N ARG A 754 3.12 -4.51 24.07
CA ARG A 754 3.76 -5.46 24.97
C ARG A 754 5.27 -5.31 24.77
N LEU A 755 6.05 -5.63 25.80
CA LEU A 755 7.49 -5.44 25.72
C LEU A 755 8.31 -6.73 25.71
N GLY A 756 8.92 -7.01 24.56
CA GLY A 756 9.73 -8.21 24.45
C GLY A 756 11.12 -7.88 24.95
N THR A 757 12.05 -8.82 24.85
CA THR A 757 13.40 -8.56 25.32
C THR A 757 14.30 -8.01 24.21
N THR A 758 13.90 -8.21 22.96
CA THR A 758 14.69 -7.72 21.82
C THR A 758 13.85 -6.80 20.96
N LYS A 759 12.56 -7.06 20.92
CA LYS A 759 11.67 -6.23 20.10
C LYS A 759 10.35 -5.97 20.80
N VAL A 760 9.69 -4.88 20.44
CA VAL A 760 8.40 -4.50 21.03
C VAL A 760 7.24 -4.90 20.11
N PHE A 761 6.22 -5.51 20.71
CA PHE A 761 5.06 -5.94 19.96
C PHE A 761 3.93 -4.93 20.04
N PHE A 762 3.13 -4.87 18.99
CA PHE A 762 1.99 -3.96 18.92
C PHE A 762 0.77 -4.61 18.31
N LYS A 763 -0.41 -4.17 18.74
CA LYS A 763 -1.64 -4.69 18.21
C LYS A 763 -1.78 -4.19 16.80
N ALA A 764 -2.67 -4.82 16.04
CA ALA A 764 -2.89 -4.42 14.65
C ALA A 764 -3.36 -2.96 14.53
N GLY A 765 -2.74 -2.24 13.61
CA GLY A 765 -3.13 -0.87 13.37
C GLY A 765 -2.63 0.16 14.36
N VAL A 766 -1.98 -0.31 15.43
CA VAL A 766 -1.46 0.62 16.42
C VAL A 766 -0.34 1.49 15.81
N LEU A 767 0.68 0.82 15.28
CA LEU A 767 1.79 1.53 14.64
C LEU A 767 1.23 2.56 13.66
N GLY A 768 0.09 2.24 13.06
CA GLY A 768 -0.53 3.16 12.13
C GLY A 768 -0.83 4.49 12.80
N ASN A 769 -1.38 4.42 14.01
CA ASN A 769 -1.69 5.62 14.78
C ASN A 769 -0.38 6.33 15.10
N LEU A 770 0.58 5.59 15.63
CA LEU A 770 1.87 6.16 15.95
C LEU A 770 2.44 6.81 14.69
N GLU A 771 2.13 6.28 13.52
CA GLU A 771 2.62 6.83 12.26
C GLU A 771 2.05 8.22 12.01
N GLU A 772 0.73 8.35 12.12
CA GLU A 772 0.09 9.62 11.89
C GLU A 772 0.49 10.61 12.99
N MET A 773 0.54 10.16 14.23
CA MET A 773 0.94 11.03 15.32
C MET A 773 2.37 11.50 15.08
N ARG A 774 3.07 10.79 14.23
CA ARG A 774 4.43 11.14 13.92
C ARG A 774 4.46 12.22 12.84
N ASP A 775 3.58 12.13 11.85
CA ASP A 775 3.56 13.10 10.79
C ASP A 775 3.14 14.47 11.28
N GLU A 776 2.12 14.50 12.12
CA GLU A 776 1.61 15.77 12.64
C GLU A 776 2.70 16.49 13.41
N ARG A 777 3.34 15.79 14.34
CA ARG A 777 4.38 16.41 15.15
C ARG A 777 5.61 16.83 14.36
N LEU A 778 6.16 15.95 13.54
CA LEU A 778 7.34 16.30 12.77
C LEU A 778 7.05 17.55 11.94
N SER A 779 5.83 17.61 11.43
CA SER A 779 5.40 18.75 10.64
C SER A 779 5.32 20.01 11.51
N LYS A 780 4.64 19.91 12.66
CA LYS A 780 4.50 21.04 13.56
C LYS A 780 5.86 21.49 14.04
N ILE A 781 6.71 20.54 14.41
CA ILE A 781 8.05 20.86 14.89
C ILE A 781 8.84 21.58 13.82
N ILE A 782 8.73 21.14 12.58
CA ILE A 782 9.44 21.83 11.50
C ILE A 782 8.87 23.23 11.39
N SER A 783 7.55 23.33 11.35
CA SER A 783 6.87 24.63 11.26
C SER A 783 7.33 25.52 12.41
N MET A 784 7.43 24.95 13.60
CA MET A 784 7.87 25.69 14.77
C MET A 784 9.30 26.17 14.60
N PHE A 785 10.15 25.36 13.97
CA PHE A 785 11.52 25.78 13.78
C PHE A 785 11.54 26.84 12.72
N GLN A 786 10.58 26.75 11.80
CA GLN A 786 10.50 27.74 10.73
C GLN A 786 10.07 29.10 11.31
N ALA A 787 9.21 29.05 12.32
CA ALA A 787 8.75 30.27 12.93
C ALA A 787 9.87 30.92 13.75
N HIS A 788 10.65 30.10 14.44
CA HIS A 788 11.73 30.60 15.26
C HIS A 788 12.72 31.36 14.38
N ILE A 789 12.84 30.96 13.12
CA ILE A 789 13.75 31.64 12.20
C ILE A 789 13.12 32.95 11.81
N ARG A 790 11.84 32.89 11.44
CA ARG A 790 11.11 34.13 11.09
C ARG A 790 11.24 35.14 12.26
N GLY A 791 11.20 34.61 13.48
CA GLY A 791 11.32 35.45 14.64
C GLY A 791 12.72 35.96 14.82
N TYR A 792 13.71 35.19 14.38
CA TYR A 792 15.11 35.60 14.49
C TYR A 792 15.35 36.78 13.55
N LEU A 793 14.97 36.63 12.28
CA LEU A 793 15.19 37.69 11.30
C LEU A 793 14.66 39.02 11.78
N ILE A 794 13.35 39.09 12.00
CA ILE A 794 12.72 40.32 12.44
C ILE A 794 13.41 40.96 13.62
N ARG A 795 13.55 40.24 14.72
CA ARG A 795 14.21 40.79 15.90
C ARG A 795 15.52 41.42 15.48
N LYS A 796 16.15 40.87 14.45
CA LYS A 796 17.43 41.36 13.95
C LYS A 796 17.28 42.69 13.24
N ALA A 797 16.13 42.89 12.61
CA ALA A 797 15.86 44.13 11.90
C ALA A 797 15.17 45.16 12.80
N TYR A 798 14.91 44.77 14.04
CA TYR A 798 14.23 45.64 14.98
C TYR A 798 15.06 46.90 15.26
N LYS A 799 16.30 46.71 15.73
CA LYS A 799 17.13 47.86 16.05
C LYS A 799 17.15 48.84 14.87
N LYS A 800 17.19 48.31 13.65
CA LYS A 800 17.23 49.16 12.46
C LYS A 800 15.92 49.93 12.30
N LEU A 801 14.80 49.30 12.64
CA LEU A 801 13.52 49.98 12.52
C LEU A 801 13.43 51.12 13.54
N GLN A 802 13.92 50.88 14.75
CA GLN A 802 13.91 51.90 15.80
C GLN A 802 14.70 53.13 15.32
N ASP A 803 15.80 52.87 14.64
CA ASP A 803 16.65 53.95 14.14
C ASP A 803 16.01 54.65 12.94
N GLN A 804 15.73 53.88 11.90
CA GLN A 804 15.11 54.44 10.70
C GLN A 804 13.85 55.27 10.97
N ARG A 805 13.30 55.16 12.17
CA ARG A 805 12.11 55.94 12.50
C ARG A 805 12.46 57.39 12.79
N ILE A 806 13.38 57.59 13.71
CA ILE A 806 13.79 58.96 14.02
C ILE A 806 14.36 59.55 12.75
N GLY A 807 15.03 58.70 11.97
CA GLY A 807 15.63 59.15 10.73
C GLY A 807 14.58 59.72 9.79
N LEU A 808 13.57 58.91 9.49
CA LEU A 808 12.52 59.36 8.60
C LEU A 808 11.80 60.54 9.24
N SER A 809 11.69 60.50 10.56
CA SER A 809 11.04 61.56 11.29
C SER A 809 11.72 62.91 10.99
N VAL A 810 13.05 62.91 11.11
CA VAL A 810 13.83 64.11 10.84
C VAL A 810 13.47 64.61 9.44
N ILE A 811 13.72 63.78 8.43
CA ILE A 811 13.44 64.10 7.04
C ILE A 811 12.08 64.74 6.83
N GLN A 812 11.04 64.10 7.31
CA GLN A 812 9.69 64.64 7.12
C GLN A 812 9.47 65.99 7.82
N ARG A 813 10.02 66.14 9.03
CA ARG A 813 9.86 67.40 9.77
C ARG A 813 10.54 68.52 8.99
N ASN A 814 11.82 68.31 8.69
CA ASN A 814 12.64 69.27 7.96
C ASN A 814 12.14 69.60 6.57
N ILE A 815 11.88 68.58 5.77
CA ILE A 815 11.39 68.82 4.41
C ILE A 815 10.11 69.64 4.43
N ARG A 816 9.35 69.54 5.53
CA ARG A 816 8.12 70.30 5.64
C ARG A 816 8.38 71.76 5.97
N LYS A 817 9.50 72.04 6.64
CA LYS A 817 9.87 73.41 7.01
C LYS A 817 10.30 74.21 5.79
N TRP A 818 11.25 73.66 5.05
CA TRP A 818 11.76 74.31 3.84
C TRP A 818 10.61 74.55 2.89
N LEU A 819 9.62 73.68 2.96
CA LEU A 819 8.45 73.79 2.10
C LEU A 819 7.50 74.89 2.60
N VAL A 820 7.46 75.08 3.92
CA VAL A 820 6.65 76.15 4.47
C VAL A 820 7.38 77.48 4.24
N LEU A 821 8.68 77.48 4.55
CA LEU A 821 9.51 78.65 4.37
C LEU A 821 9.39 79.24 2.99
N ARG A 822 9.69 78.44 1.98
CA ARG A 822 9.62 78.91 0.61
C ARG A 822 8.21 79.37 0.23
N ASN A 823 7.26 79.13 1.12
CA ASN A 823 5.88 79.54 0.88
C ASN A 823 5.45 80.73 1.75
N TRP A 824 6.36 81.18 2.61
CA TRP A 824 6.07 82.27 3.52
C TRP A 824 6.30 83.61 2.81
N GLN A 825 5.23 84.39 2.66
CA GLN A 825 5.27 85.68 1.98
C GLN A 825 6.46 86.59 2.31
N TRP A 826 7.03 86.44 3.49
CA TRP A 826 8.16 87.29 3.86
C TRP A 826 9.48 86.78 3.28
N TRP A 827 9.58 85.48 3.10
CA TRP A 827 10.81 84.91 2.58
C TRP A 827 11.06 85.22 1.13
N LYS A 828 10.03 85.05 0.30
CA LYS A 828 10.19 85.32 -1.13
C LYS A 828 10.68 86.76 -1.32
N LEU A 829 10.23 87.66 -0.46
CA LEU A 829 10.65 89.05 -0.55
C LEU A 829 11.96 89.25 0.20
N TYR A 830 12.11 88.57 1.33
CA TYR A 830 13.34 88.69 2.09
C TYR A 830 14.51 88.21 1.26
N SER A 831 14.26 87.22 0.41
CA SER A 831 15.32 86.66 -0.41
C SER A 831 15.30 86.97 -1.90
N LYS A 832 14.31 87.69 -2.39
CA LYS A 832 14.31 88.04 -3.80
C LYS A 832 14.96 89.43 -3.74
N VAL A 833 15.28 89.83 -2.51
CA VAL A 833 15.93 91.10 -2.18
C VAL A 833 17.41 90.73 -1.93
N LYS A 834 17.81 89.57 -2.44
CA LYS A 834 19.18 89.06 -2.26
C LYS A 834 20.16 89.30 -3.40
N PRO A 835 19.69 89.12 -4.63
CA PRO A 835 20.52 89.34 -5.85
C PRO A 835 21.66 90.35 -6.09
N LEU A 836 22.22 90.99 -5.06
CA LEU A 836 23.40 91.83 -5.28
C LEU A 836 24.65 90.97 -5.05
N LEU A 837 25.16 91.05 -3.81
CA LEU A 837 26.27 90.23 -3.29
C LEU A 837 26.46 90.38 -1.74
N PRO B 13 22.64 83.04 14.30
CA PRO B 13 23.80 83.17 13.39
C PRO B 13 24.53 84.51 13.43
N GLN B 14 25.71 84.54 12.81
CA GLN B 14 26.59 85.71 12.79
C GLN B 14 26.54 86.78 11.70
N LYS B 15 26.63 86.38 10.44
CA LYS B 15 26.63 87.35 9.34
C LYS B 15 25.32 87.51 8.56
N GLN B 16 24.36 86.61 8.78
CA GLN B 16 23.06 86.75 8.10
C GLN B 16 22.46 87.96 8.80
N ILE B 17 22.62 87.99 10.12
CA ILE B 17 22.13 89.06 10.98
C ILE B 17 22.80 90.37 10.58
N GLN B 18 23.98 90.26 9.97
CA GLN B 18 24.74 91.43 9.52
C GLN B 18 24.37 91.73 8.07
N GLU B 19 24.03 90.70 7.32
CA GLU B 19 23.64 90.85 5.93
C GLU B 19 22.16 91.26 5.89
N MET B 20 21.48 91.00 7.00
CA MET B 20 20.07 91.36 7.11
C MET B 20 20.06 92.89 7.07
N LYS B 21 20.83 93.50 7.95
CA LYS B 21 20.95 94.95 8.00
C LYS B 21 21.26 95.50 6.62
N GLU B 22 22.13 94.79 5.91
CA GLU B 22 22.57 95.21 4.58
C GLU B 22 21.65 94.75 3.45
N ALA B 23 20.53 94.12 3.82
CA ALA B 23 19.54 93.66 2.86
C ALA B 23 18.21 94.23 3.38
N PHE B 24 18.31 94.84 4.55
CA PHE B 24 17.20 95.52 5.21
C PHE B 24 17.65 96.94 4.94
N SER B 25 18.61 97.03 4.02
CA SER B 25 19.21 98.28 3.57
C SER B 25 18.71 98.52 2.15
N MET B 26 17.55 97.92 1.87
CA MET B 26 16.87 98.03 0.58
C MET B 26 15.40 98.05 0.92
N ILE B 27 15.05 97.26 1.92
CA ILE B 27 13.69 97.14 2.42
C ILE B 27 13.31 98.52 2.98
N ASP B 28 14.31 99.40 2.99
CA ASP B 28 14.17 100.78 3.45
C ASP B 28 14.12 101.65 2.19
N VAL B 29 13.02 101.54 1.45
CA VAL B 29 12.80 102.27 0.20
C VAL B 29 12.27 103.69 0.39
N ASP B 30 12.14 104.11 1.65
CA ASP B 30 11.70 105.46 1.99
C ASP B 30 12.62 105.89 3.12
N ARG B 31 13.55 104.99 3.43
CA ARG B 31 14.58 105.14 4.47
C ARG B 31 14.26 105.94 5.74
N ASP B 32 13.57 105.31 6.67
CA ASP B 32 13.22 105.98 7.93
C ASP B 32 13.79 105.31 9.19
N GLY B 33 14.35 104.11 9.05
CA GLY B 33 14.88 103.43 10.23
C GLY B 33 13.79 102.48 10.71
N PHE B 34 12.63 102.62 10.10
CA PHE B 34 11.42 101.81 10.33
C PHE B 34 11.07 101.45 8.89
N VAL B 35 10.24 100.44 8.66
CA VAL B 35 9.80 100.11 7.31
C VAL B 35 8.33 100.55 7.35
N SER B 36 7.40 99.78 6.79
CA SER B 36 5.98 100.18 6.86
C SER B 36 4.97 99.37 6.03
N LYS B 37 3.71 99.38 6.50
CA LYS B 37 2.61 98.64 5.86
C LYS B 37 2.49 98.82 4.35
N GLU B 38 2.72 100.04 3.87
CA GLU B 38 2.67 100.31 2.44
C GLU B 38 4.06 100.06 1.89
N ASP B 39 5.06 100.53 2.62
CA ASP B 39 6.47 100.43 2.26
C ASP B 39 6.91 99.12 1.58
N ILE B 40 6.30 98.00 1.94
CA ILE B 40 6.65 96.71 1.36
C ILE B 40 6.17 96.56 -0.09
N LYS B 41 4.93 96.96 -0.33
CA LYS B 41 4.34 96.87 -1.66
C LYS B 41 5.01 97.79 -2.69
N ALA B 42 6.05 98.50 -2.26
CA ALA B 42 6.79 99.39 -3.15
C ALA B 42 8.16 98.78 -3.41
N ILE B 43 8.49 97.78 -2.60
CA ILE B 43 9.76 97.08 -2.70
C ILE B 43 9.50 95.75 -3.39
N SER B 44 8.22 95.45 -3.60
CA SER B 44 7.81 94.20 -4.23
C SER B 44 7.55 94.40 -5.72
N GLU B 45 6.51 95.16 -6.03
CA GLU B 45 6.13 95.47 -7.42
C GLU B 45 7.35 95.89 -8.22
N GLN B 46 8.31 96.47 -7.51
CA GLN B 46 9.55 96.92 -8.12
C GLN B 46 10.35 95.67 -8.48
N LEU B 47 9.62 94.61 -8.83
CA LEU B 47 10.20 93.31 -9.19
C LEU B 47 9.11 92.33 -9.64
N GLY B 48 7.85 92.71 -9.47
CA GLY B 48 6.75 91.83 -9.83
C GLY B 48 6.06 91.40 -8.55
N ARG B 49 4.97 90.66 -8.65
CA ARG B 49 4.23 90.20 -7.47
C ARG B 49 3.59 91.43 -6.80
N ALA B 50 2.88 91.24 -5.69
CA ALA B 50 2.22 92.34 -4.99
C ALA B 50 1.28 91.93 -3.84
N PRO B 51 1.83 91.56 -2.68
CA PRO B 51 1.04 91.15 -1.50
C PRO B 51 -0.04 92.16 -1.03
N ASP B 52 -1.30 91.77 -1.16
CA ASP B 52 -2.48 92.58 -0.81
C ASP B 52 -2.46 93.46 0.46
N ASP B 53 -3.39 94.41 0.50
CA ASP B 53 -3.56 95.38 1.59
C ASP B 53 -3.99 94.74 2.92
N LYS B 54 -3.91 93.41 2.97
CA LYS B 54 -4.29 92.67 4.15
C LYS B 54 -3.30 91.55 4.40
N GLU B 55 -2.43 91.34 3.42
CA GLU B 55 -1.39 90.33 3.57
C GLU B 55 -0.29 91.07 4.33
N LEU B 56 -0.74 91.87 5.31
CA LEU B 56 0.16 92.68 6.12
C LEU B 56 -0.32 92.90 7.56
N THR B 57 -1.64 92.94 7.79
CA THR B 57 -2.16 93.16 9.14
C THR B 57 -2.20 91.86 9.96
N ALA B 58 -2.08 90.74 9.27
CA ALA B 58 -2.03 89.45 9.93
C ALA B 58 -0.53 89.20 9.92
N MET B 59 0.14 89.98 9.07
CA MET B 59 1.58 89.90 8.90
C MET B 59 2.24 91.17 9.43
N LEU B 60 1.78 91.64 10.59
CA LEU B 60 2.32 92.84 11.23
C LEU B 60 2.19 92.73 12.76
N LYS B 61 1.40 91.76 13.21
CA LYS B 61 1.20 91.51 14.64
C LYS B 61 2.32 90.52 14.96
N GLU B 62 3.39 90.61 14.17
CA GLU B 62 4.56 89.74 14.29
C GLU B 62 5.80 90.30 14.99
N ALA B 63 5.71 91.51 15.54
CA ALA B 63 6.86 92.10 16.20
C ALA B 63 6.62 92.45 17.66
N PRO B 64 7.31 91.74 18.59
CA PRO B 64 7.16 91.99 20.02
C PRO B 64 7.63 93.42 20.38
N GLY B 65 7.38 94.35 19.44
CA GLY B 65 7.72 95.78 19.56
C GLY B 65 7.77 96.34 18.13
N PRO B 66 7.87 97.65 17.94
CA PRO B 66 7.96 98.18 16.55
C PRO B 66 8.97 97.44 15.67
N LEU B 67 8.83 97.62 14.37
CA LEU B 67 9.70 96.96 13.39
C LEU B 67 10.85 97.80 12.86
N ASN B 68 11.91 97.11 12.41
CA ASN B 68 13.08 97.78 11.83
C ASN B 68 14.41 97.05 11.93
N PHE B 69 14.50 95.93 11.23
CA PHE B 69 15.71 95.10 11.21
C PHE B 69 16.38 94.59 12.50
N THR B 70 15.98 95.09 13.65
CA THR B 70 16.58 94.57 14.87
C THR B 70 15.31 94.01 15.52
N MET B 71 14.17 94.27 14.89
CA MET B 71 12.88 93.77 15.39
C MET B 71 12.30 93.00 14.19
N PHE B 72 13.21 92.59 13.31
CA PHE B 72 12.91 91.85 12.09
C PHE B 72 13.57 90.47 12.32
N LEU B 73 14.69 90.50 13.05
CA LEU B 73 15.46 89.29 13.37
C LEU B 73 14.86 88.55 14.54
N SER B 74 13.71 89.03 15.03
CA SER B 74 13.02 88.40 16.15
C SER B 74 11.65 87.99 15.59
N ILE B 75 11.66 87.75 14.28
CA ILE B 75 10.48 87.38 13.52
C ILE B 75 10.91 86.36 12.46
N PHE B 76 12.18 86.46 12.07
CA PHE B 76 12.78 85.56 11.09
C PHE B 76 13.49 84.49 11.88
N SER B 77 13.97 84.89 13.05
CA SER B 77 14.67 83.99 13.95
C SER B 77 13.67 83.07 14.65
N ASP B 78 12.38 83.42 14.62
CA ASP B 78 11.39 82.60 15.33
C ASP B 78 10.32 81.73 14.66
N LYS B 79 10.34 81.59 13.34
CA LYS B 79 9.42 80.66 12.69
C LYS B 79 10.41 79.80 11.94
N LEU B 80 11.67 80.21 12.06
CA LEU B 80 12.82 79.57 11.48
C LEU B 80 13.29 78.55 12.52
N SER B 81 12.78 78.73 13.74
CA SER B 81 13.15 77.88 14.87
C SER B 81 12.53 76.48 14.84
N GLY B 82 13.39 75.47 15.03
CA GLY B 82 12.94 74.09 15.07
C GLY B 82 13.64 73.18 14.06
N THR B 83 14.68 73.69 13.41
CA THR B 83 15.40 72.92 12.41
C THR B 83 16.57 72.08 12.94
N ASP B 84 17.10 71.21 12.08
CA ASP B 84 18.25 70.38 12.44
C ASP B 84 19.34 70.69 11.45
N SER B 85 20.57 70.34 11.81
CA SER B 85 21.73 70.62 10.94
C SER B 85 21.78 69.82 9.65
N GLU B 86 22.76 70.14 8.81
CA GLU B 86 22.95 69.48 7.53
C GLU B 86 23.43 68.04 7.73
N GLU B 87 24.35 67.84 8.67
CA GLU B 87 24.89 66.52 8.95
C GLU B 87 23.79 65.65 9.54
N THR B 88 22.91 66.28 10.32
CA THR B 88 21.82 65.55 10.93
C THR B 88 20.84 65.04 9.87
N ILE B 89 20.55 65.90 8.90
CA ILE B 89 19.62 65.55 7.84
C ILE B 89 20.22 64.59 6.82
N ARG B 90 21.46 64.83 6.41
CA ARG B 90 22.08 63.95 5.43
C ARG B 90 22.53 62.67 6.11
N ASN B 91 22.26 62.53 7.40
CA ASN B 91 22.61 61.33 8.14
C ASN B 91 21.31 60.60 8.38
N ALA B 92 20.21 61.31 8.12
CA ALA B 92 18.90 60.73 8.28
C ALA B 92 18.71 59.93 7.01
N PHE B 93 18.89 60.61 5.88
CA PHE B 93 18.76 59.94 4.60
C PHE B 93 19.80 58.83 4.55
N ALA B 94 20.92 59.06 5.22
CA ALA B 94 22.02 58.09 5.28
C ALA B 94 21.71 56.98 6.26
N MET B 95 20.44 56.64 6.38
CA MET B 95 19.99 55.55 7.26
C MET B 95 19.22 54.59 6.36
N PHE B 96 19.07 54.96 5.10
CA PHE B 96 18.38 54.14 4.13
C PHE B 96 19.38 53.90 2.97
N ASP B 97 20.66 53.98 3.28
CA ASP B 97 21.70 53.76 2.29
C ASP B 97 22.89 53.03 2.90
N GLU B 98 22.67 51.78 3.27
CA GLU B 98 23.70 50.94 3.88
C GLU B 98 24.93 50.78 2.99
N GLN B 99 24.73 50.76 1.68
CA GLN B 99 25.83 50.61 0.76
C GLN B 99 26.63 51.89 0.68
N GLU B 100 26.05 52.97 1.20
CA GLU B 100 26.70 54.26 1.21
C GLU B 100 27.01 54.73 -0.21
N THR B 101 26.00 54.73 -1.06
CA THR B 101 26.16 55.18 -2.45
C THR B 101 25.88 56.69 -2.56
N LYS B 102 25.43 57.28 -1.44
CA LYS B 102 25.10 58.69 -1.39
C LYS B 102 23.86 58.99 -2.22
N LYS B 103 23.06 57.96 -2.48
CA LYS B 103 21.84 58.14 -3.24
C LYS B 103 20.77 57.11 -2.88
N LEU B 104 19.51 57.50 -2.95
CA LEU B 104 18.38 56.62 -2.67
C LEU B 104 17.59 56.45 -3.93
N ASN B 105 17.03 55.27 -4.13
CA ASN B 105 16.21 55.02 -5.32
C ASN B 105 15.00 55.94 -5.27
N ILE B 106 14.60 56.46 -6.42
CA ILE B 106 13.49 57.40 -6.44
C ILE B 106 12.17 56.87 -5.87
N GLU B 107 11.68 55.74 -6.38
CA GLU B 107 10.42 55.19 -5.90
C GLU B 107 10.47 54.85 -4.41
N TYR B 108 11.66 54.50 -3.94
CA TYR B 108 11.84 54.14 -2.54
C TYR B 108 11.63 55.33 -1.62
N ILE B 109 12.30 56.44 -1.90
CA ILE B 109 12.14 57.61 -1.04
C ILE B 109 10.70 58.17 -1.13
N LYS B 110 10.15 58.17 -2.35
CA LYS B 110 8.79 58.65 -2.54
C LYS B 110 7.85 57.81 -1.67
N ASP B 111 8.08 56.50 -1.65
CA ASP B 111 7.25 55.59 -0.88
C ASP B 111 7.44 55.85 0.59
N LEU B 112 8.69 56.08 0.99
CA LEU B 112 8.97 56.34 2.40
C LEU B 112 8.22 57.56 2.90
N LEU B 113 8.28 58.62 2.10
CA LEU B 113 7.63 59.87 2.47
C LEU B 113 6.11 59.85 2.39
N GLU B 114 5.60 59.21 1.33
CA GLU B 114 4.16 59.19 1.13
C GLU B 114 3.32 58.18 1.91
N ASN B 115 3.88 57.01 2.20
CA ASN B 115 3.09 56.01 2.92
C ASN B 115 3.61 55.56 4.30
N MET B 116 4.62 56.23 4.82
CA MET B 116 5.17 55.82 6.09
C MET B 116 5.38 57.04 6.99
N GLY B 117 5.33 56.83 8.30
CA GLY B 117 5.52 57.95 9.21
C GLY B 117 4.37 58.92 9.04
N ASP B 118 4.65 60.21 9.15
CA ASP B 118 3.62 61.22 8.98
C ASP B 118 3.45 61.50 7.51
N ASN B 119 2.77 60.58 6.85
CA ASN B 119 2.50 60.64 5.41
C ASN B 119 2.29 62.02 4.79
N PHE B 120 2.86 62.18 3.60
CA PHE B 120 2.76 63.40 2.79
C PHE B 120 1.52 63.18 1.93
N ASN B 121 0.89 64.27 1.49
CA ASN B 121 -0.27 64.12 0.62
C ASN B 121 0.17 64.53 -0.77
N LYS B 122 -0.54 64.09 -1.79
CA LYS B 122 -0.19 64.37 -3.16
C LYS B 122 0.35 65.78 -3.36
N ASP B 123 -0.04 66.72 -2.50
CA ASP B 123 0.44 68.10 -2.62
C ASP B 123 1.88 68.25 -2.16
N GLU B 124 2.14 67.93 -0.90
CA GLU B 124 3.49 68.00 -0.36
C GLU B 124 4.44 67.20 -1.27
N MET B 125 3.95 66.07 -1.76
CA MET B 125 4.74 65.22 -2.63
C MET B 125 5.13 65.98 -3.89
N ARG B 126 4.12 66.52 -4.57
CA ARG B 126 4.35 67.25 -5.81
C ARG B 126 5.32 68.41 -5.60
N MET B 127 5.15 69.10 -4.48
CA MET B 127 5.99 70.24 -4.18
C MET B 127 7.42 69.89 -3.81
N THR B 128 7.61 68.74 -3.15
CA THR B 128 8.94 68.34 -2.74
C THR B 128 9.81 67.85 -3.90
N PHE B 129 9.22 67.14 -4.85
CA PHE B 129 9.97 66.59 -5.98
C PHE B 129 10.03 67.44 -7.24
N LYS B 130 9.51 68.67 -7.19
CA LYS B 130 9.54 69.53 -8.37
C LYS B 130 10.97 69.86 -8.72
N GLU B 131 11.73 70.26 -7.70
CA GLU B 131 13.12 70.64 -7.90
C GLU B 131 14.06 69.61 -7.27
N ALA B 132 13.57 68.37 -7.11
CA ALA B 132 14.39 67.32 -6.52
C ALA B 132 15.46 66.87 -7.51
N PRO B 133 16.70 66.73 -7.05
CA PRO B 133 17.81 66.30 -7.91
C PRO B 133 17.71 64.80 -8.17
N VAL B 134 17.29 64.42 -9.38
CA VAL B 134 17.16 63.01 -9.69
C VAL B 134 17.85 62.65 -11.02
N GLU B 135 18.91 61.85 -10.92
CA GLU B 135 19.63 61.41 -12.10
C GLU B 135 19.41 59.91 -12.30
N GLY B 136 18.99 59.55 -13.51
CA GLY B 136 18.77 58.16 -13.85
C GLY B 136 18.08 57.31 -12.78
N GLY B 137 17.04 57.83 -12.15
CA GLY B 137 16.33 57.07 -11.14
C GLY B 137 16.90 57.16 -9.73
N LYS B 138 18.05 57.80 -9.57
CA LYS B 138 18.66 57.93 -8.25
C LYS B 138 18.43 59.33 -7.69
N PHE B 139 18.02 59.38 -6.42
CA PHE B 139 17.75 60.62 -5.71
C PHE B 139 18.98 61.01 -4.89
N ASP B 140 19.54 62.19 -5.15
CA ASP B 140 20.73 62.64 -4.44
C ASP B 140 20.32 63.30 -3.14
N TYR B 141 20.27 62.54 -2.06
CA TYR B 141 19.87 63.10 -0.77
C TYR B 141 20.90 64.07 -0.20
N VAL B 142 22.18 63.91 -0.61
CA VAL B 142 23.22 64.81 -0.12
C VAL B 142 23.03 66.20 -0.74
N LYS B 143 22.75 66.22 -2.05
CA LYS B 143 22.56 67.46 -2.77
C LYS B 143 21.24 68.09 -2.35
N PHE B 144 20.21 67.25 -2.29
CA PHE B 144 18.89 67.70 -1.89
C PHE B 144 18.94 68.32 -0.49
N THR B 145 19.81 67.77 0.35
CA THR B 145 19.97 68.28 1.71
C THR B 145 20.49 69.73 1.70
N ALA B 146 21.50 69.98 0.87
CA ALA B 146 22.07 71.31 0.75
C ALA B 146 20.99 72.30 0.36
N MET B 147 20.19 71.93 -0.64
CA MET B 147 19.10 72.76 -1.13
C MET B 147 18.22 73.27 0.01
N ILE B 148 17.55 72.35 0.67
CA ILE B 148 16.68 72.67 1.79
C ILE B 148 17.31 73.60 2.81
N LYS B 149 18.61 73.44 3.02
CA LYS B 149 19.32 74.26 4.00
C LYS B 149 19.83 75.61 3.49
N GLY B 150 20.16 75.69 2.21
CA GLY B 150 20.64 76.94 1.65
C GLY B 150 22.06 76.90 1.14
N SER B 151 22.89 76.02 1.73
CA SER B 151 24.28 75.90 1.31
C SER B 151 24.45 75.97 -0.21
N GLY B 152 23.43 75.50 -0.94
CA GLY B 152 23.47 75.54 -2.39
C GLY B 152 22.42 76.52 -2.90
N GLU B 153 21.56 76.07 -3.79
CA GLU B 153 20.49 76.91 -4.36
C GLU B 153 19.15 76.21 -4.27
N GLU B 154 18.12 76.94 -3.83
CA GLU B 154 16.77 76.39 -3.69
C GLU B 154 15.75 76.95 -4.69
N GLU B 155 14.88 76.08 -5.21
CA GLU B 155 13.87 76.50 -6.19
C GLU B 155 12.47 75.94 -6.00
N ALA B 156 11.48 76.73 -6.42
CA ALA B 156 10.06 76.38 -6.34
C ALA B 156 9.48 76.08 -7.72
N PRO C 1 -0.87 34.66 29.94
CA PRO C 1 -2.18 35.30 29.63
C PRO C 1 -2.42 36.63 30.35
N LYS C 2 -2.55 36.64 31.67
CA LYS C 2 -2.74 37.92 32.33
C LYS C 2 -1.43 38.60 32.07
N LEU C 3 -1.45 39.80 31.50
CA LEU C 3 -0.21 40.49 31.21
C LEU C 3 0.26 41.50 32.24
N SER C 4 1.58 41.55 32.40
CA SER C 4 2.22 42.47 33.31
C SER C 4 2.18 43.84 32.63
N GLN C 5 1.87 44.88 33.41
CA GLN C 5 1.85 46.23 32.82
C GLN C 5 3.23 46.52 32.22
N ASP C 6 4.20 45.66 32.53
CA ASP C 6 5.55 45.76 31.97
C ASP C 6 5.36 45.33 30.52
N GLU C 7 5.03 44.05 30.39
CA GLU C 7 4.79 43.40 29.13
C GLU C 7 3.90 44.25 28.21
N ILE C 8 2.86 44.86 28.78
CA ILE C 8 1.96 45.68 27.99
C ILE C 8 2.68 46.92 27.49
N ASP C 9 3.53 47.49 28.35
CA ASP C 9 4.30 48.66 27.96
C ASP C 9 5.15 48.29 26.78
N ASP C 10 5.90 47.20 26.95
CA ASP C 10 6.75 46.71 25.88
C ASP C 10 5.90 46.57 24.64
N LEU C 11 4.73 45.97 24.81
CA LEU C 11 3.80 45.77 23.74
C LEU C 11 3.43 47.09 23.09
N LYS C 12 3.26 48.12 23.90
CA LYS C 12 2.95 49.45 23.39
C LYS C 12 4.17 50.02 22.64
N ASP C 13 5.37 49.75 23.17
CA ASP C 13 6.59 50.22 22.54
C ASP C 13 6.66 49.74 21.10
N VAL C 14 6.50 48.44 20.92
CA VAL C 14 6.56 47.85 19.60
C VAL C 14 5.35 48.21 18.74
N PHE C 15 4.17 48.37 19.36
CA PHE C 15 2.98 48.73 18.60
C PHE C 15 3.12 50.17 18.08
N GLU C 16 3.78 50.99 18.88
CA GLU C 16 4.05 52.38 18.53
C GLU C 16 4.82 52.38 17.20
N LEU C 17 6.03 51.82 17.24
CA LEU C 17 6.92 51.75 16.09
C LEU C 17 6.24 51.25 14.82
N PHE C 18 5.59 50.10 14.88
CA PHE C 18 4.93 49.57 13.69
C PHE C 18 3.83 50.44 13.15
N ASP C 19 3.06 51.06 14.03
CA ASP C 19 1.99 51.94 13.59
C ASP C 19 2.60 53.02 12.70
N PHE C 20 3.76 53.48 13.13
CA PHE C 20 4.51 54.51 12.42
C PHE C 20 4.96 54.08 11.03
N TRP C 21 5.56 52.91 10.95
CA TRP C 21 6.07 52.42 9.67
C TRP C 21 5.08 52.07 8.56
N ASP C 22 3.82 52.46 8.74
CA ASP C 22 2.81 52.23 7.73
C ASP C 22 1.80 53.37 7.80
N GLY C 23 2.21 54.48 8.42
CA GLY C 23 1.37 55.66 8.56
C GLY C 23 0.90 55.82 9.99
N ARG C 24 1.46 56.77 10.74
CA ARG C 24 1.05 56.95 12.13
C ARG C 24 -0.42 57.33 12.20
N ASP C 25 -1.21 56.52 12.88
CA ASP C 25 -2.63 56.75 13.00
C ASP C 25 -3.27 55.79 13.97
N GLY C 26 -2.48 55.34 14.95
CA GLY C 26 -2.97 54.44 15.97
C GLY C 26 -3.44 53.10 15.48
N ALA C 27 -3.16 52.81 14.22
CA ALA C 27 -3.57 51.54 13.61
C ALA C 27 -2.38 50.81 12.97
N VAL C 28 -2.37 49.49 13.12
CA VAL C 28 -1.32 48.66 12.54
C VAL C 28 -1.93 47.66 11.59
N ASP C 29 -1.30 47.46 10.44
CA ASP C 29 -1.82 46.52 9.44
C ASP C 29 -1.66 45.07 9.89
N ALA C 30 -2.75 44.32 9.85
CA ALA C 30 -2.78 42.92 10.25
C ALA C 30 -1.65 42.09 9.66
N PHE C 31 -1.19 42.42 8.45
CA PHE C 31 -0.11 41.66 7.82
C PHE C 31 1.17 41.80 8.65
N LYS C 32 1.12 42.62 9.70
CA LYS C 32 2.28 42.81 10.55
C LYS C 32 2.02 42.28 11.95
N LEU C 33 0.77 41.94 12.23
CA LEU C 33 0.38 41.42 13.54
C LEU C 33 1.38 40.42 14.07
N GLY C 34 1.77 39.48 13.23
CA GLY C 34 2.75 38.48 13.64
C GLY C 34 4.13 39.07 13.87
N ASP C 35 4.54 39.95 12.97
CA ASP C 35 5.84 40.57 13.09
C ASP C 35 5.96 41.39 14.38
N VAL C 36 4.85 41.96 14.83
CA VAL C 36 4.90 42.75 16.06
C VAL C 36 5.11 41.78 17.22
N CYS C 37 4.40 40.65 17.18
CA CYS C 37 4.52 39.64 18.21
C CYS C 37 5.93 39.09 18.33
N ARG C 38 6.60 38.93 17.19
CA ARG C 38 7.94 38.40 17.19
C ARG C 38 8.95 39.32 17.85
N CYS C 39 8.81 40.61 17.60
CA CYS C 39 9.71 41.57 18.21
C CYS C 39 9.61 41.53 19.72
N LEU C 40 8.57 40.84 20.21
CA LEU C 40 8.34 40.73 21.64
C LEU C 40 8.94 39.47 22.26
N GLY C 41 9.44 38.59 21.41
CA GLY C 41 10.05 37.37 21.91
C GLY C 41 9.25 36.12 21.64
N ILE C 42 8.08 36.27 21.05
CA ILE C 42 7.23 35.13 20.72
C ILE C 42 7.56 34.63 19.33
N ASN C 43 7.33 33.34 19.10
CA ASN C 43 7.59 32.72 17.81
C ASN C 43 6.33 32.13 17.24
N PRO C 44 5.34 32.95 16.94
CA PRO C 44 4.08 32.46 16.38
C PRO C 44 4.29 31.69 15.06
N ARG C 45 3.31 30.88 14.70
CA ARG C 45 3.35 30.12 13.48
C ARG C 45 2.35 30.79 12.59
N ASN C 46 2.62 30.79 11.29
CA ASN C 46 1.73 31.40 10.32
C ASN C 46 0.25 31.08 10.63
N GLU C 47 0.00 29.88 11.13
CA GLU C 47 -1.35 29.46 11.45
C GLU C 47 -1.86 30.14 12.71
N ASP C 48 -0.99 30.28 13.70
CA ASP C 48 -1.36 30.91 14.95
C ASP C 48 -1.79 32.36 14.73
N VAL C 49 -1.08 33.05 13.84
CA VAL C 49 -1.42 34.45 13.56
C VAL C 49 -2.73 34.58 12.78
N PHE C 50 -2.91 33.73 11.77
CA PHE C 50 -4.14 33.78 10.98
C PHE C 50 -5.36 33.42 11.83
N ALA C 51 -5.14 32.69 12.91
CA ALA C 51 -6.22 32.25 13.75
C ALA C 51 -6.67 33.31 14.74
N VAL C 52 -5.90 34.40 14.85
CA VAL C 52 -6.25 35.46 15.81
C VAL C 52 -6.61 36.78 15.16
N GLY C 53 -6.58 36.83 13.83
CA GLY C 53 -6.94 38.06 13.15
C GLY C 53 -6.00 38.44 12.02
N GLY C 54 -4.75 37.96 12.10
CA GLY C 54 -3.76 38.29 11.08
C GLY C 54 -4.29 38.06 9.70
N THR C 55 -3.76 38.79 8.72
CA THR C 55 -4.19 38.63 7.32
C THR C 55 -3.08 38.11 6.40
N HIS C 56 -3.46 37.79 5.15
CA HIS C 56 -2.51 37.26 4.19
C HIS C 56 -1.68 38.32 3.52
N LYS C 57 -2.31 39.42 3.09
CA LYS C 57 -1.55 40.47 2.44
C LYS C 57 -1.84 41.86 3.02
N MET C 58 -1.01 42.83 2.64
CA MET C 58 -1.16 44.22 3.08
C MET C 58 -2.41 44.95 2.58
N GLY C 59 -2.85 45.94 3.36
CA GLY C 59 -3.99 46.75 2.98
C GLY C 59 -5.38 46.18 3.06
N GLU C 60 -5.61 45.21 3.94
CA GLU C 60 -6.94 44.62 4.08
C GLU C 60 -7.60 44.95 5.41
N LYS C 61 -6.82 44.94 6.48
CA LYS C 61 -7.36 45.28 7.79
C LYS C 61 -6.30 45.91 8.68
N SER C 62 -6.71 46.95 9.43
CA SER C 62 -5.82 47.65 10.35
C SER C 62 -6.36 47.47 11.76
N LEU C 63 -5.46 47.36 12.72
CA LEU C 63 -5.86 47.13 14.10
C LEU C 63 -5.42 48.17 15.10
N PRO C 64 -6.33 48.59 15.98
CA PRO C 64 -6.04 49.59 17.01
C PRO C 64 -5.18 48.89 18.05
N PHE C 65 -4.62 49.63 18.99
CA PHE C 65 -3.80 48.98 20.01
C PHE C 65 -4.70 48.13 20.89
N GLU C 66 -5.90 48.63 21.14
CA GLU C 66 -6.90 47.94 21.96
C GLU C 66 -7.26 46.57 21.43
N GLU C 67 -6.92 46.30 20.18
CA GLU C 67 -7.20 45.01 19.57
C GLU C 67 -5.94 44.17 19.42
N PHE C 68 -4.82 44.67 19.93
CA PHE C 68 -3.57 43.95 19.85
C PHE C 68 -3.34 43.14 21.11
N LEU C 69 -3.79 43.68 22.23
CA LEU C 69 -3.63 42.99 23.50
C LEU C 69 -4.27 41.60 23.38
N PRO C 70 -5.59 41.56 23.11
CA PRO C 70 -6.26 40.27 22.99
C PRO C 70 -5.53 39.33 22.03
N ALA C 71 -5.16 39.86 20.86
CA ALA C 71 -4.48 39.09 19.82
C ALA C 71 -3.14 38.58 20.32
N TYR C 72 -2.35 39.46 20.93
CA TYR C 72 -1.03 39.09 21.45
C TYR C 72 -1.18 38.06 22.56
N GLU C 73 -2.13 38.29 23.45
CA GLU C 73 -2.37 37.38 24.56
C GLU C 73 -2.63 35.96 24.04
N GLY C 74 -3.29 35.89 22.89
CA GLY C 74 -3.58 34.60 22.30
C GLY C 74 -2.35 33.88 21.83
N LEU C 75 -1.53 34.59 21.06
CA LEU C 75 -0.30 34.01 20.54
C LEU C 75 0.63 33.50 21.62
N MET C 76 0.53 34.07 22.82
CA MET C 76 1.39 33.63 23.91
C MET C 76 1.07 32.23 24.38
N ASP C 77 -0.12 31.76 24.05
CA ASP C 77 -0.52 30.42 24.48
C ASP C 77 -0.26 29.32 23.47
N CYS C 78 0.48 29.65 22.42
CA CYS C 78 0.81 28.68 21.39
C CYS C 78 2.07 27.92 21.77
N GLU C 79 2.29 26.78 21.12
CA GLU C 79 3.45 25.96 21.43
C GLU C 79 4.75 26.55 20.89
N GLN C 80 5.81 26.41 21.68
CA GLN C 80 7.11 26.91 21.27
C GLN C 80 8.09 25.74 21.21
N GLY C 81 8.61 25.46 20.02
CA GLY C 81 9.57 24.38 19.88
C GLY C 81 10.75 24.44 20.85
N THR C 82 11.07 23.32 21.47
CA THR C 82 12.19 23.26 22.40
C THR C 82 13.40 22.66 21.66
N PHE C 83 14.57 22.71 22.27
CA PHE C 83 15.77 22.17 21.65
C PHE C 83 15.56 20.73 21.19
N ALA C 84 15.10 19.87 22.11
CA ALA C 84 14.83 18.47 21.77
C ALA C 84 13.86 18.36 20.56
N ASP C 85 12.73 19.08 20.62
CA ASP C 85 11.77 19.09 19.53
C ASP C 85 12.46 19.26 18.19
N TYR C 86 13.25 20.31 18.05
CA TYR C 86 13.97 20.58 16.82
C TYR C 86 14.99 19.48 16.50
N MET C 87 15.80 19.12 17.48
CA MET C 87 16.82 18.11 17.25
C MET C 87 16.27 16.75 16.76
N GLU C 88 15.23 16.23 17.41
CA GLU C 88 14.67 14.96 16.99
C GLU C 88 14.17 15.09 15.56
N ALA C 89 13.62 16.26 15.22
CA ALA C 89 13.12 16.50 13.87
C ALA C 89 14.24 16.33 12.84
N PHE C 90 15.29 17.12 13.00
CA PHE C 90 16.42 17.06 12.09
C PHE C 90 17.01 15.69 12.11
N LYS C 91 17.08 15.09 13.31
CA LYS C 91 17.64 13.76 13.49
C LYS C 91 16.99 12.76 12.51
N THR C 92 15.71 12.98 12.20
CA THR C 92 15.01 12.10 11.28
C THR C 92 15.56 12.13 9.86
N PHE C 93 16.18 13.25 9.47
CA PHE C 93 16.75 13.35 8.13
C PHE C 93 18.22 12.94 8.15
N ASP C 94 18.67 12.48 9.32
CA ASP C 94 20.06 12.07 9.50
C ASP C 94 20.18 10.55 9.43
N ARG C 95 20.76 10.07 8.34
CA ARG C 95 20.95 8.64 8.10
C ARG C 95 21.89 8.01 9.11
N GLU C 96 23.18 8.25 8.91
CA GLU C 96 24.23 7.70 9.76
C GLU C 96 23.99 7.90 11.25
N GLY C 97 23.64 9.13 11.62
CA GLY C 97 23.38 9.41 13.02
C GLY C 97 24.45 10.26 13.68
N GLN C 98 25.38 10.76 12.88
CA GLN C 98 26.46 11.58 13.42
C GLN C 98 26.27 13.11 13.33
N GLY C 99 25.03 13.55 13.49
CA GLY C 99 24.72 14.98 13.46
C GLY C 99 24.95 15.80 12.20
N PHE C 100 24.99 15.17 11.03
CA PHE C 100 25.20 15.91 9.78
C PHE C 100 24.01 15.83 8.82
N ILE C 101 24.00 16.75 7.85
CA ILE C 101 22.94 16.76 6.84
C ILE C 101 23.35 17.63 5.66
N SER C 102 22.89 17.25 4.47
CA SER C 102 23.21 17.96 3.24
C SER C 102 22.49 19.31 3.13
N GLY C 103 23.26 20.35 2.84
CA GLY C 103 22.69 21.67 2.69
C GLY C 103 21.42 21.69 1.85
N ALA C 104 21.41 20.89 0.79
CA ALA C 104 20.25 20.81 -0.10
C ALA C 104 19.05 20.38 0.73
N GLU C 105 19.22 19.29 1.49
CA GLU C 105 18.16 18.77 2.33
C GLU C 105 17.71 19.86 3.32
N LEU C 106 18.70 20.54 3.92
CA LEU C 106 18.39 21.60 4.86
C LEU C 106 17.48 22.62 4.22
N ARG C 107 17.89 23.15 3.06
CA ARG C 107 17.09 24.13 2.36
C ARG C 107 15.78 23.46 1.92
N HIS C 108 15.87 22.15 1.66
CA HIS C 108 14.71 21.40 1.21
C HIS C 108 13.66 21.41 2.33
N VAL C 109 14.08 20.99 3.51
CA VAL C 109 13.17 20.93 4.66
C VAL C 109 12.53 22.29 4.89
N LEU C 110 13.40 23.31 4.97
CA LEU C 110 12.96 24.69 5.23
C LEU C 110 12.04 25.33 4.20
N THR C 111 12.13 24.94 2.93
CA THR C 111 11.26 25.55 1.93
C THR C 111 10.17 24.64 1.35
N ALA C 112 10.22 23.36 1.68
CA ALA C 112 9.24 22.40 1.16
C ALA C 112 8.31 21.85 2.24
N LEU C 113 8.87 21.59 3.42
CA LEU C 113 8.06 21.05 4.51
C LEU C 113 7.43 22.11 5.43
N GLY C 114 6.30 21.75 6.02
CA GLY C 114 5.60 22.64 6.94
C GLY C 114 5.22 23.93 6.28
N GLU C 115 4.97 24.99 7.03
CA GLU C 115 4.65 26.27 6.40
C GLU C 115 5.94 26.86 5.83
N ARG C 116 6.31 26.39 4.64
CA ARG C 116 7.51 26.79 3.89
C ARG C 116 8.10 28.21 4.06
N LEU C 117 9.44 28.32 4.02
CA LEU C 117 10.11 29.64 4.10
C LEU C 117 10.56 29.99 2.66
N SER C 118 10.55 31.27 2.31
CA SER C 118 10.95 31.68 0.96
C SER C 118 12.47 31.51 0.80
N ASP C 119 12.91 31.13 -0.40
CA ASP C 119 14.36 30.96 -0.64
C ASP C 119 15.13 32.20 -0.21
N GLU C 120 14.50 33.36 -0.32
CA GLU C 120 15.15 34.60 0.06
C GLU C 120 15.37 34.63 1.56
N ASP C 121 14.44 34.04 2.31
CA ASP C 121 14.53 34.00 3.78
C ASP C 121 15.57 33.00 4.28
N VAL C 122 15.64 31.84 3.62
CA VAL C 122 16.61 30.83 4.02
C VAL C 122 18.00 31.38 3.70
N ASP C 123 18.11 31.99 2.52
CA ASP C 123 19.38 32.58 2.07
C ASP C 123 19.86 33.58 3.14
N GLU C 124 18.90 34.29 3.72
CA GLU C 124 19.16 35.34 4.71
C GLU C 124 19.55 34.84 6.11
N ILE C 125 19.05 33.67 6.50
CA ILE C 125 19.37 33.15 7.83
C ILE C 125 20.69 32.39 7.91
N ILE C 126 21.18 31.92 6.76
CA ILE C 126 22.45 31.20 6.74
C ILE C 126 23.58 32.23 6.84
N LYS C 127 23.29 33.44 6.38
CA LYS C 127 24.25 34.52 6.41
C LYS C 127 24.36 35.07 7.82
N LEU C 128 23.20 35.30 8.46
CA LEU C 128 23.20 35.85 9.79
C LEU C 128 23.73 34.87 10.82
N THR C 129 23.38 33.60 10.67
CA THR C 129 23.84 32.58 11.61
C THR C 129 25.23 32.10 11.20
N ASP C 130 25.53 32.27 9.91
CA ASP C 130 26.82 31.89 9.36
C ASP C 130 27.06 30.40 9.51
N LEU C 131 26.08 29.63 9.04
CA LEU C 131 26.16 28.17 9.08
C LEU C 131 27.02 27.71 7.89
N GLN C 132 28.32 27.53 8.12
CA GLN C 132 29.22 27.14 7.05
C GLN C 132 29.18 25.64 6.76
N GLU C 133 28.94 25.31 5.49
CA GLU C 133 28.85 23.93 5.02
C GLU C 133 30.22 23.41 4.60
N ASP C 134 30.75 22.44 5.35
CA ASP C 134 32.07 21.89 5.07
C ASP C 134 32.32 21.21 3.72
N LEU C 135 33.60 20.91 3.49
CA LEU C 135 34.10 20.30 2.26
C LEU C 135 33.18 19.49 1.37
N GLU C 136 32.53 18.46 1.92
CA GLU C 136 31.65 17.61 1.10
C GLU C 136 30.32 18.24 0.73
N GLY C 137 29.79 19.10 1.61
CA GLY C 137 28.52 19.76 1.32
C GLY C 137 27.44 19.52 2.36
N ASN C 138 27.84 19.24 3.60
CA ASN C 138 26.88 18.99 4.66
C ASN C 138 27.18 19.87 5.87
N VAL C 139 26.17 20.07 6.72
CA VAL C 139 26.31 20.91 7.90
C VAL C 139 25.94 20.23 9.22
N LYS C 140 26.38 20.85 10.31
CA LYS C 140 26.10 20.33 11.64
C LYS C 140 24.85 21.03 12.11
N TYR C 141 23.69 20.41 11.90
CA TYR C 141 22.42 21.05 12.30
C TYR C 141 22.35 21.38 13.77
N GLU C 142 23.02 20.60 14.62
CA GLU C 142 23.01 20.89 16.05
C GLU C 142 23.43 22.35 16.28
N ASP C 143 24.42 22.80 15.53
CA ASP C 143 24.90 24.17 15.67
C ASP C 143 23.95 25.18 15.06
N PHE C 144 23.33 24.82 13.93
CA PHE C 144 22.41 25.72 13.27
C PHE C 144 21.14 25.91 14.11
N VAL C 145 20.77 24.90 14.89
CA VAL C 145 19.60 25.03 15.75
C VAL C 145 19.87 25.98 16.93
N LYS C 146 21.08 25.89 17.49
CA LYS C 146 21.42 26.72 18.65
C LYS C 146 21.45 28.20 18.26
N LYS C 147 22.01 28.48 17.10
CA LYS C 147 22.12 29.86 16.64
C LYS C 147 20.78 30.47 16.30
N VAL C 148 19.86 29.69 15.76
CA VAL C 148 18.55 30.21 15.42
C VAL C 148 17.85 30.52 16.73
N MET C 149 18.19 29.75 17.76
CA MET C 149 17.57 29.91 19.07
C MET C 149 18.29 30.98 19.89
N ALA C 150 19.60 31.04 19.75
CA ALA C 150 20.41 31.99 20.49
C ALA C 150 20.03 33.42 20.12
N GLY C 151 19.53 33.57 18.89
CA GLY C 151 19.11 34.89 18.39
C GLY C 151 20.21 35.80 17.81
N PRO C 152 19.88 36.81 17.04
CA PRO C 152 20.82 37.75 16.43
C PRO C 152 21.87 38.30 17.35
N TYR C 153 21.45 38.68 18.55
CA TYR C 153 22.42 39.23 19.46
C TYR C 153 22.80 38.29 20.62
N PRO C 154 23.92 37.58 20.47
CA PRO C 154 24.51 36.64 21.45
C PRO C 154 24.79 37.13 22.86
N ASP C 155 25.57 36.32 23.54
CA ASP C 155 25.96 36.63 24.89
C ASP C 155 27.44 36.37 25.08
S SO4 D . -3.46 -25.94 -12.19
O1 SO4 D . -3.25 -27.39 -12.12
O2 SO4 D . -4.84 -25.69 -12.57
O3 SO4 D . -3.20 -25.35 -10.89
O4 SO4 D . -2.57 -25.36 -13.18
MG MG E . 10.52 102.72 6.38
CA CA F . -0.44 53.00 10.97
#